data_1WPD
#
_entry.id   1WPD
#
_entity_poly.entity_id   1
_entity_poly.type   'polypeptide(L)'
_entity_poly.pdbx_seq_one_letter_code
;VSCTGSKDCYAPCRKQTGCPYGKCMNRKCKCNRC
;
_entity_poly.pdbx_strand_id   A
#
# COMPACT_ATOMS: atom_id res chain seq x y z
N VAL A 1 3.54 -3.23 7.55
CA VAL A 1 4.16 -1.88 7.69
C VAL A 1 3.37 -0.83 6.91
N SER A 2 3.22 0.35 7.51
CA SER A 2 2.49 1.44 6.87
C SER A 2 3.45 2.49 6.32
N CYS A 3 3.24 2.86 5.06
CA CYS A 3 4.09 3.84 4.40
C CYS A 3 3.33 5.16 4.19
N THR A 4 4.04 6.19 3.78
CA THR A 4 3.45 7.49 3.54
C THR A 4 4.36 8.38 2.70
N GLY A 5 5.14 7.75 1.83
CA GLY A 5 6.05 8.51 0.98
C GLY A 5 6.06 8.00 -0.45
N SER A 6 5.09 8.43 -1.24
CA SER A 6 4.99 8.00 -2.63
C SER A 6 4.05 8.93 -3.41
N LYS A 7 3.53 8.43 -4.52
CA LYS A 7 2.62 9.20 -5.35
C LYS A 7 1.24 8.55 -5.42
N ASP A 8 0.79 8.07 -4.25
CA ASP A 8 -0.51 7.40 -4.13
C ASP A 8 -0.37 5.92 -4.47
N CYS A 9 0.20 5.18 -3.54
CA CYS A 9 0.40 3.74 -3.72
C CYS A 9 -0.72 2.95 -3.07
N TYR A 10 -0.79 3.03 -1.76
CA TYR A 10 -1.82 2.32 -0.99
C TYR A 10 -3.21 2.58 -1.56
N ALA A 11 -3.38 3.69 -2.26
CA ALA A 11 -4.67 4.04 -2.84
C ALA A 11 -5.03 3.13 -4.01
N PRO A 12 -4.29 3.22 -5.13
CA PRO A 12 -4.55 2.40 -6.32
C PRO A 12 -4.66 0.92 -5.98
N CYS A 13 -4.02 0.51 -4.89
CA CYS A 13 -4.05 -0.87 -4.46
C CYS A 13 -5.21 -1.13 -3.51
N ARG A 14 -5.37 -0.26 -2.51
CA ARG A 14 -6.44 -0.41 -1.55
C ARG A 14 -7.76 -0.68 -2.25
N LYS A 15 -7.94 -0.06 -3.40
CA LYS A 15 -9.15 -0.28 -4.18
C LYS A 15 -9.27 -1.77 -4.49
N GLN A 16 -8.16 -2.33 -4.98
CA GLN A 16 -8.11 -3.75 -5.32
C GLN A 16 -8.12 -4.64 -4.07
N THR A 17 -7.10 -4.48 -3.21
CA THR A 17 -6.98 -5.28 -2.00
C THR A 17 -8.03 -4.93 -0.96
N GLY A 18 -8.12 -3.65 -0.62
CA GLY A 18 -9.05 -3.20 0.37
C GLY A 18 -8.38 -2.53 1.54
N CYS A 19 -8.44 -3.19 2.69
CA CYS A 19 -7.86 -2.70 3.93
C CYS A 19 -6.70 -1.71 3.71
N PRO A 20 -6.55 -0.73 4.62
CA PRO A 20 -5.49 0.29 4.53
C PRO A 20 -4.08 -0.27 4.69
N TYR A 21 -3.97 -1.56 5.02
CA TYR A 21 -2.68 -2.18 5.21
C TYR A 21 -1.93 -2.31 3.88
N GLY A 22 -0.63 -2.57 3.97
CA GLY A 22 0.18 -2.72 2.77
C GLY A 22 1.49 -3.44 3.05
N LYS A 23 2.06 -4.06 2.01
CA LYS A 23 3.32 -4.77 2.16
C LYS A 23 4.47 -3.92 1.62
N CYS A 24 4.22 -2.62 1.53
CA CYS A 24 5.21 -1.68 1.02
C CYS A 24 6.39 -1.56 1.97
N MET A 25 7.56 -1.99 1.49
CA MET A 25 8.78 -1.93 2.27
C MET A 25 9.86 -1.19 1.47
N ASN A 26 10.69 -0.43 2.17
CA ASN A 26 11.72 0.32 1.46
C ASN A 26 11.10 1.09 0.34
N ARG A 27 11.97 1.61 -0.46
CA ARG A 27 11.58 2.39 -1.63
C ARG A 27 10.85 1.51 -2.61
N LYS A 28 10.55 0.31 -2.15
CA LYS A 28 9.82 -0.68 -2.95
C LYS A 28 8.42 -0.90 -2.40
N CYS A 29 7.43 -0.27 -3.03
CA CYS A 29 6.05 -0.40 -2.61
C CYS A 29 5.50 -1.80 -2.88
N LYS A 30 4.38 -2.12 -2.26
CA LYS A 30 3.75 -3.42 -2.44
C LYS A 30 2.59 -3.61 -1.47
N CYS A 31 1.43 -3.12 -1.87
CA CYS A 31 0.20 -3.23 -1.08
C CYS A 31 0.06 -4.58 -0.39
N ASN A 32 -0.92 -4.64 0.47
CA ASN A 32 -1.20 -5.84 1.25
C ASN A 32 -2.10 -6.80 0.49
N ARG A 33 -2.39 -7.92 1.12
CA ARG A 33 -3.25 -8.94 0.53
C ARG A 33 -4.48 -9.15 1.41
N CYS A 34 -5.52 -8.39 1.12
CA CYS A 34 -6.76 -8.47 1.89
C CYS A 34 -7.64 -9.62 1.40
N VAL A 1 6.95 -1.46 9.01
CA VAL A 1 6.98 -0.58 7.82
C VAL A 1 5.63 -0.55 7.11
N SER A 2 5.23 0.65 6.66
CA SER A 2 3.95 0.81 5.98
C SER A 2 3.78 2.25 5.49
N CYS A 3 3.24 2.40 4.29
CA CYS A 3 3.03 3.72 3.71
C CYS A 3 1.75 4.35 4.27
N THR A 4 1.53 5.61 3.92
CA THR A 4 0.35 6.34 4.39
C THR A 4 0.18 7.65 3.63
N GLY A 5 0.56 7.64 2.36
CA GLY A 5 0.45 8.84 1.55
C GLY A 5 1.22 8.72 0.24
N SER A 6 2.39 9.35 0.19
CA SER A 6 3.22 9.32 -1.00
C SER A 6 2.48 9.90 -2.20
N LYS A 7 2.57 9.21 -3.32
CA LYS A 7 1.92 9.64 -4.55
C LYS A 7 0.63 8.84 -4.78
N ASP A 8 -0.01 8.45 -3.69
CA ASP A 8 -1.25 7.68 -3.77
C ASP A 8 -0.98 6.27 -4.29
N CYS A 9 -0.21 5.50 -3.52
CA CYS A 9 0.13 4.14 -3.90
C CYS A 9 -0.81 3.15 -3.24
N TYR A 10 -0.69 3.03 -1.94
CA TYR A 10 -1.53 2.12 -1.16
C TYR A 10 -3.02 2.34 -1.46
N ALA A 11 -3.35 3.53 -1.95
CA ALA A 11 -4.73 3.86 -2.24
C ALA A 11 -5.27 3.11 -3.46
N PRO A 12 -4.75 3.40 -4.67
CA PRO A 12 -5.20 2.74 -5.90
C PRO A 12 -5.31 1.23 -5.74
N CYS A 13 -4.48 0.67 -4.88
CA CYS A 13 -4.50 -0.77 -4.65
C CYS A 13 -5.43 -1.12 -3.51
N ARG A 14 -5.31 -0.41 -2.38
CA ARG A 14 -6.16 -0.66 -1.23
C ARG A 14 -7.60 -0.88 -1.65
N LYS A 15 -7.98 -0.21 -2.73
CA LYS A 15 -9.33 -0.35 -3.26
C LYS A 15 -9.58 -1.81 -3.67
N GLN A 16 -8.71 -2.34 -4.53
CA GLN A 16 -8.82 -3.71 -5.00
C GLN A 16 -8.49 -4.72 -3.89
N THR A 17 -7.40 -4.45 -3.17
CA THR A 17 -6.94 -5.33 -2.11
C THR A 17 -7.87 -5.30 -0.90
N GLY A 18 -7.99 -4.12 -0.30
CA GLY A 18 -8.83 -3.96 0.85
C GLY A 18 -8.08 -3.48 2.06
N CYS A 19 -7.98 -4.34 3.06
CA CYS A 19 -7.30 -4.05 4.32
C CYS A 19 -6.26 -2.93 4.20
N PRO A 20 -6.17 -2.04 5.21
CA PRO A 20 -5.22 -0.91 5.21
C PRO A 20 -3.75 -1.33 5.09
N TYR A 21 -3.47 -2.62 5.23
CA TYR A 21 -2.12 -3.12 5.14
C TYR A 21 -1.58 -3.02 3.71
N GLY A 22 -0.27 -3.23 3.58
CA GLY A 22 0.38 -3.17 2.28
C GLY A 22 1.81 -3.67 2.33
N LYS A 23 2.35 -4.06 1.17
CA LYS A 23 3.72 -4.54 1.12
C LYS A 23 4.62 -3.50 0.48
N CYS A 24 4.18 -2.24 0.54
CA CYS A 24 4.93 -1.14 -0.04
C CYS A 24 6.11 -0.74 0.84
N MET A 25 7.26 -1.35 0.57
CA MET A 25 8.47 -1.06 1.33
C MET A 25 9.15 0.19 0.81
N ASN A 26 9.77 0.94 1.71
CA ASN A 26 10.45 2.18 1.35
C ASN A 26 11.34 1.96 0.13
N ARG A 27 11.15 2.80 -0.88
CA ARG A 27 11.92 2.71 -2.12
C ARG A 27 11.46 1.51 -2.93
N LYS A 28 10.20 1.13 -2.75
CA LYS A 28 9.63 -0.01 -3.47
C LYS A 28 8.21 -0.30 -2.97
N CYS A 29 7.23 0.27 -3.64
CA CYS A 29 5.83 0.07 -3.27
C CYS A 29 5.37 -1.34 -3.62
N LYS A 30 4.24 -1.75 -3.04
CA LYS A 30 3.68 -3.06 -3.30
C LYS A 30 2.56 -3.38 -2.32
N CYS A 31 1.37 -2.90 -2.65
CA CYS A 31 0.16 -3.12 -1.83
C CYS A 31 0.12 -4.49 -1.21
N ASN A 32 -0.85 -4.67 -0.34
CA ASN A 32 -1.05 -5.91 0.39
C ASN A 32 -1.82 -6.93 -0.44
N ARG A 33 -2.01 -8.10 0.15
CA ARG A 33 -2.74 -9.19 -0.48
C ARG A 33 -3.80 -9.71 0.49
N CYS A 34 -4.97 -9.09 0.46
CA CYS A 34 -6.06 -9.46 1.33
C CYS A 34 -6.86 -10.63 0.76
N VAL A 1 8.09 -2.45 7.94
CA VAL A 1 7.96 -1.37 6.93
C VAL A 1 6.51 -1.22 6.47
N SER A 2 6.08 0.02 6.30
CA SER A 2 4.72 0.31 5.88
C SER A 2 4.51 1.81 5.69
N CYS A 3 3.77 2.17 4.63
CA CYS A 3 3.50 3.58 4.34
C CYS A 3 2.36 4.09 5.21
N THR A 4 2.12 5.39 5.14
CA THR A 4 1.05 6.01 5.92
C THR A 4 0.46 7.21 5.17
N GLY A 5 0.30 7.06 3.87
CA GLY A 5 -0.24 8.14 3.05
C GLY A 5 0.38 8.19 1.68
N SER A 6 1.67 8.50 1.63
CA SER A 6 2.40 8.58 0.36
C SER A 6 1.74 9.58 -0.58
N LYS A 7 2.16 9.58 -1.84
CA LYS A 7 1.60 10.49 -2.84
C LYS A 7 0.21 10.02 -3.27
N ASP A 8 0.10 8.75 -3.64
CA ASP A 8 -1.17 8.19 -4.08
C ASP A 8 -1.02 6.71 -4.44
N CYS A 9 -0.48 5.94 -3.50
CA CYS A 9 -0.28 4.51 -3.72
C CYS A 9 -1.29 3.68 -2.95
N TYR A 10 -1.24 3.82 -1.63
CA TYR A 10 -2.15 3.08 -0.75
C TYR A 10 -3.58 3.16 -1.27
N ALA A 11 -3.90 4.26 -1.96
CA ALA A 11 -5.24 4.45 -2.50
C ALA A 11 -5.53 3.51 -3.67
N PRO A 12 -4.88 3.73 -4.82
CA PRO A 12 -5.07 2.90 -6.02
C PRO A 12 -4.89 1.42 -5.71
N CYS A 13 -4.14 1.13 -4.65
CA CYS A 13 -3.89 -0.24 -4.26
C CYS A 13 -4.94 -0.75 -3.28
N ARG A 14 -5.24 0.05 -2.26
CA ARG A 14 -6.24 -0.34 -1.27
C ARG A 14 -7.53 -0.76 -1.95
N LYS A 15 -7.83 -0.12 -3.08
CA LYS A 15 -9.02 -0.45 -3.84
C LYS A 15 -8.93 -1.90 -4.31
N GLN A 16 -7.76 -2.25 -4.85
CA GLN A 16 -7.51 -3.60 -5.34
C GLN A 16 -7.41 -4.61 -4.20
N THR A 17 -6.48 -4.37 -3.27
CA THR A 17 -6.27 -5.28 -2.16
C THR A 17 -7.42 -5.23 -1.16
N GLY A 18 -7.80 -4.03 -0.77
CA GLY A 18 -8.87 -3.85 0.18
C GLY A 18 -8.37 -3.27 1.48
N CYS A 19 -8.39 -4.10 2.51
CA CYS A 19 -7.96 -3.73 3.85
C CYS A 19 -6.89 -2.63 3.86
N PRO A 20 -6.90 -1.77 4.89
CA PRO A 20 -5.96 -0.65 5.01
C PRO A 20 -4.49 -1.09 5.02
N TYR A 21 -4.23 -2.38 5.18
CA TYR A 21 -2.88 -2.88 5.20
C TYR A 21 -2.22 -2.80 3.84
N GLY A 22 -0.90 -2.92 3.81
CA GLY A 22 -0.16 -2.84 2.56
C GLY A 22 1.27 -3.35 2.69
N LYS A 23 1.86 -3.80 1.58
CA LYS A 23 3.23 -4.29 1.61
C LYS A 23 4.16 -3.25 0.99
N CYS A 24 3.65 -2.02 0.87
CA CYS A 24 4.40 -0.92 0.28
C CYS A 24 5.55 -0.48 1.20
N MET A 25 6.77 -0.77 0.77
CA MET A 25 7.95 -0.40 1.55
C MET A 25 8.64 0.79 0.92
N ASN A 26 9.25 1.62 1.76
CA ASN A 26 9.95 2.82 1.29
C ASN A 26 10.82 2.49 0.08
N ARG A 27 10.60 3.22 -1.01
CA ARG A 27 11.35 3.01 -2.24
C ARG A 27 10.90 1.73 -2.93
N LYS A 28 9.64 1.37 -2.70
CA LYS A 28 9.07 0.16 -3.29
C LYS A 28 7.66 -0.11 -2.75
N CYS A 29 6.67 0.39 -3.45
CA CYS A 29 5.28 0.21 -3.06
C CYS A 29 4.78 -1.18 -3.40
N LYS A 30 3.66 -1.58 -2.79
CA LYS A 30 3.07 -2.89 -3.03
C LYS A 30 2.06 -3.26 -1.95
N CYS A 31 0.81 -2.88 -2.17
CA CYS A 31 -0.29 -3.17 -1.24
C CYS A 31 -0.18 -4.56 -0.65
N ASN A 32 -1.08 -4.81 0.28
CA ASN A 32 -1.13 -6.08 0.99
C ASN A 32 -1.91 -7.12 0.20
N ARG A 33 -2.00 -8.32 0.77
CA ARG A 33 -2.72 -9.41 0.15
C ARG A 33 -3.96 -9.73 0.96
N CYS A 34 -5.06 -9.06 0.63
CA CYS A 34 -6.32 -9.24 1.31
C CYS A 34 -7.13 -10.38 0.69
N VAL A 1 -0.91 1.96 10.61
CA VAL A 1 -0.16 0.67 10.53
C VAL A 1 0.23 0.36 9.09
N SER A 2 1.44 -0.15 8.91
CA SER A 2 1.95 -0.49 7.59
C SER A 2 2.05 0.75 6.70
N CYS A 3 3.25 1.03 6.22
CA CYS A 3 3.47 2.19 5.36
C CYS A 3 3.13 3.49 6.07
N THR A 4 3.30 4.59 5.37
CA THR A 4 3.03 5.91 5.91
C THR A 4 1.67 6.43 5.45
N GLY A 5 0.63 5.64 5.71
CA GLY A 5 -0.71 6.03 5.32
C GLY A 5 -0.98 5.74 3.85
N SER A 6 -0.92 6.78 3.02
CA SER A 6 -1.15 6.61 1.59
C SER A 6 -0.73 7.86 0.83
N LYS A 7 -0.65 7.71 -0.50
CA LYS A 7 -0.27 8.82 -1.37
C LYS A 7 -0.83 8.61 -2.78
N ASP A 8 -0.17 7.77 -3.55
CA ASP A 8 -0.61 7.47 -4.92
C ASP A 8 -0.56 5.97 -5.20
N CYS A 9 -0.23 5.18 -4.19
CA CYS A 9 -0.15 3.73 -4.35
C CYS A 9 -1.22 3.04 -3.54
N TYR A 10 -1.14 3.20 -2.23
CA TYR A 10 -2.10 2.60 -1.31
C TYR A 10 -3.53 2.84 -1.78
N ALA A 11 -3.74 3.93 -2.50
CA ALA A 11 -5.09 4.25 -2.98
C ALA A 11 -5.54 3.31 -4.09
N PRO A 12 -4.95 3.40 -5.29
CA PRO A 12 -5.29 2.55 -6.43
C PRO A 12 -5.40 1.09 -6.02
N CYS A 13 -4.67 0.72 -4.98
CA CYS A 13 -4.68 -0.64 -4.49
C CYS A 13 -5.77 -0.84 -3.45
N ARG A 14 -5.75 -0.02 -2.41
CA ARG A 14 -6.75 -0.12 -1.35
C ARG A 14 -8.12 -0.41 -1.93
N LYS A 15 -8.36 0.11 -3.12
CA LYS A 15 -9.61 -0.14 -3.79
C LYS A 15 -9.79 -1.64 -3.97
N GLN A 16 -8.83 -2.26 -4.66
CA GLN A 16 -8.86 -3.71 -4.88
C GLN A 16 -8.55 -4.51 -3.61
N THR A 17 -7.46 -4.15 -2.93
CA THR A 17 -7.03 -4.83 -1.72
C THR A 17 -7.95 -4.57 -0.53
N GLY A 18 -8.93 -3.68 -0.69
CA GLY A 18 -9.83 -3.39 0.41
C GLY A 18 -9.08 -2.97 1.66
N CYS A 19 -9.01 -3.91 2.60
CA CYS A 19 -8.34 -3.70 3.88
C CYS A 19 -7.22 -2.65 3.81
N PRO A 20 -7.00 -1.90 4.90
CA PRO A 20 -5.98 -0.85 4.96
C PRO A 20 -4.53 -1.36 4.94
N TYR A 21 -4.36 -2.67 4.87
CA TYR A 21 -3.03 -3.25 4.85
C TYR A 21 -2.28 -2.96 3.55
N GLY A 22 -0.98 -3.22 3.58
CA GLY A 22 -0.12 -3.00 2.42
C GLY A 22 1.33 -3.31 2.75
N LYS A 23 2.06 -3.95 1.82
CA LYS A 23 3.46 -4.27 2.09
C LYS A 23 4.39 -3.31 1.36
N CYS A 24 3.91 -2.09 1.16
CA CYS A 24 4.69 -1.07 0.47
C CYS A 24 5.89 -0.64 1.29
N MET A 25 7.08 -0.76 0.68
CA MET A 25 8.32 -0.39 1.33
C MET A 25 8.88 0.88 0.71
N ASN A 26 9.50 1.71 1.54
CA ASN A 26 10.08 2.98 1.06
C ASN A 26 10.90 2.75 -0.21
N ARG A 27 10.52 3.44 -1.27
CA ARG A 27 11.20 3.33 -2.55
C ARG A 27 10.88 2.01 -3.23
N LYS A 28 9.70 1.48 -2.93
CA LYS A 28 9.24 0.22 -3.51
C LYS A 28 7.89 -0.20 -2.92
N CYS A 29 6.82 0.10 -3.65
CA CYS A 29 5.48 -0.26 -3.21
C CYS A 29 5.26 -1.76 -3.26
N LYS A 30 4.22 -2.23 -2.59
CA LYS A 30 3.90 -3.65 -2.57
C LYS A 30 2.76 -3.95 -1.60
N CYS A 31 1.55 -3.72 -2.06
CA CYS A 31 0.34 -3.96 -1.28
C CYS A 31 0.41 -5.25 -0.48
N ASN A 32 -0.57 -5.42 0.37
CA ASN A 32 -0.68 -6.56 1.25
C ASN A 32 -1.81 -7.49 0.83
N ARG A 33 -2.10 -8.44 1.70
CA ARG A 33 -3.15 -9.41 1.49
C ARG A 33 -4.51 -8.75 1.54
N CYS A 34 -5.49 -9.55 1.23
CA CYS A 34 -6.87 -9.16 1.25
C CYS A 34 -7.13 -7.81 0.57
N VAL A 1 5.58 -2.91 7.37
CA VAL A 1 4.23 -3.07 6.79
C VAL A 1 3.50 -1.73 6.69
N SER A 2 2.81 -1.52 5.57
CA SER A 2 2.08 -0.28 5.35
C SER A 2 3.03 0.92 5.28
N CYS A 3 2.75 1.84 4.37
CA CYS A 3 3.58 3.03 4.22
C CYS A 3 2.78 4.29 4.53
N THR A 4 3.48 5.42 4.57
CA THR A 4 2.85 6.70 4.85
C THR A 4 3.43 7.78 3.95
N GLY A 5 3.83 7.40 2.74
CA GLY A 5 4.40 8.34 1.81
C GLY A 5 3.34 9.17 1.11
N SER A 6 3.35 9.14 -0.22
CA SER A 6 2.39 9.90 -1.01
C SER A 6 2.35 9.40 -2.47
N LYS A 7 2.29 10.34 -3.42
CA LYS A 7 2.24 10.03 -4.84
C LYS A 7 1.23 8.92 -5.14
N ASP A 8 0.19 8.85 -4.30
CA ASP A 8 -0.87 7.86 -4.46
C ASP A 8 -0.30 6.46 -4.54
N CYS A 9 0.38 6.07 -3.49
CA CYS A 9 0.97 4.75 -3.40
C CYS A 9 -0.01 3.73 -2.85
N TYR A 10 -0.37 3.89 -1.58
CA TYR A 10 -1.31 3.00 -0.93
C TYR A 10 -2.70 3.10 -1.56
N ALA A 11 -2.93 4.15 -2.36
CA ALA A 11 -4.23 4.36 -2.98
C ALA A 11 -4.54 3.34 -4.09
N PRO A 12 -3.83 3.42 -5.23
CA PRO A 12 -4.06 2.52 -6.36
C PRO A 12 -4.13 1.06 -5.94
N CYS A 13 -3.49 0.75 -4.83
CA CYS A 13 -3.47 -0.61 -4.32
C CYS A 13 -4.58 -0.85 -3.30
N ARG A 14 -4.71 0.04 -2.32
CA ARG A 14 -5.74 -0.12 -1.30
C ARG A 14 -7.09 -0.38 -1.93
N LYS A 15 -7.32 0.17 -3.11
CA LYS A 15 -8.57 -0.04 -3.82
C LYS A 15 -8.70 -1.52 -4.14
N GLN A 16 -7.63 -2.10 -4.69
CA GLN A 16 -7.61 -3.50 -5.04
C GLN A 16 -7.57 -4.41 -3.80
N THR A 17 -6.55 -4.21 -2.97
CA THR A 17 -6.37 -5.02 -1.77
C THR A 17 -7.42 -4.71 -0.69
N GLY A 18 -7.62 -3.43 -0.44
CA GLY A 18 -8.55 -3.03 0.57
C GLY A 18 -7.88 -2.98 1.93
N CYS A 19 -8.66 -2.95 3.00
CA CYS A 19 -8.14 -2.91 4.37
C CYS A 19 -6.96 -1.94 4.51
N PRO A 20 -6.54 -1.65 5.76
CA PRO A 20 -5.44 -0.71 6.03
C PRO A 20 -4.06 -1.35 5.84
N TYR A 21 -4.00 -2.67 5.77
CA TYR A 21 -2.75 -3.38 5.61
C TYR A 21 -2.15 -3.17 4.22
N GLY A 22 -0.87 -3.52 4.09
CA GLY A 22 -0.17 -3.39 2.82
C GLY A 22 1.25 -3.90 2.90
N LYS A 23 1.80 -4.38 1.77
CA LYS A 23 3.16 -4.88 1.75
C LYS A 23 4.07 -3.90 1.02
N CYS A 24 3.62 -2.65 0.94
CA CYS A 24 4.36 -1.60 0.26
C CYS A 24 5.64 -1.26 1.00
N MET A 25 6.69 -0.99 0.23
CA MET A 25 8.00 -0.65 0.78
C MET A 25 8.54 0.59 0.10
N ASN A 26 9.29 1.40 0.85
CA ASN A 26 9.87 2.62 0.31
C ASN A 26 10.56 2.37 -1.03
N ARG A 27 10.14 3.13 -2.03
CA ARG A 27 10.70 3.01 -3.39
C ARG A 27 10.18 1.75 -4.07
N LYS A 28 8.99 1.32 -3.67
CA LYS A 28 8.36 0.13 -4.25
C LYS A 28 7.13 -0.27 -3.44
N CYS A 29 5.96 0.13 -3.91
CA CYS A 29 4.71 -0.19 -3.24
C CYS A 29 4.35 -1.65 -3.44
N LYS A 30 3.38 -2.12 -2.67
CA LYS A 30 2.94 -3.51 -2.77
C LYS A 30 1.90 -3.85 -1.72
N CYS A 31 0.67 -3.45 -1.99
CA CYS A 31 -0.47 -3.70 -1.09
C CYS A 31 -0.41 -5.06 -0.45
N ASN A 32 -1.31 -5.24 0.49
CA ASN A 32 -1.43 -6.48 1.25
C ASN A 32 -2.31 -7.49 0.54
N ARG A 33 -2.47 -8.64 1.16
CA ARG A 33 -3.30 -9.70 0.62
C ARG A 33 -4.57 -9.83 1.43
N CYS A 34 -5.54 -8.99 1.10
CA CYS A 34 -6.81 -8.96 1.80
C CYS A 34 -7.78 -10.01 1.24
N VAL A 1 8.84 -0.61 8.73
CA VAL A 1 9.10 -0.09 7.37
C VAL A 1 8.09 1.01 7.00
N SER A 2 8.58 2.06 6.36
CA SER A 2 7.73 3.18 5.96
C SER A 2 7.57 3.22 4.44
N CYS A 3 6.35 3.47 3.99
CA CYS A 3 6.06 3.54 2.57
C CYS A 3 6.82 4.68 1.90
N THR A 4 6.64 4.80 0.60
CA THR A 4 7.30 5.83 -0.18
C THR A 4 6.44 7.10 -0.28
N GLY A 5 5.53 7.27 0.67
CA GLY A 5 4.67 8.44 0.68
C GLY A 5 4.07 8.74 -0.69
N SER A 6 3.86 7.69 -1.48
CA SER A 6 3.30 7.84 -2.81
C SER A 6 1.95 8.55 -2.76
N LYS A 7 1.46 8.96 -3.93
CA LYS A 7 0.18 9.65 -4.02
C LYS A 7 -0.85 8.81 -4.79
N ASP A 8 -0.37 7.92 -5.65
CA ASP A 8 -1.25 7.08 -6.44
C ASP A 8 -0.84 5.61 -6.35
N CYS A 9 -0.30 5.21 -5.20
CA CYS A 9 0.11 3.84 -4.99
C CYS A 9 -0.87 3.09 -4.11
N TYR A 10 -0.86 3.44 -2.83
CA TYR A 10 -1.76 2.81 -1.87
C TYR A 10 -3.21 3.03 -2.27
N ALA A 11 -3.47 4.01 -3.13
CA ALA A 11 -4.83 4.29 -3.58
C ALA A 11 -5.36 3.22 -4.52
N PRO A 12 -4.84 3.15 -5.76
CA PRO A 12 -5.27 2.15 -6.74
C PRO A 12 -5.18 0.74 -6.18
N CYS A 13 -4.35 0.58 -5.17
CA CYS A 13 -4.15 -0.72 -4.54
C CYS A 13 -5.15 -0.94 -3.41
N ARG A 14 -5.24 0.03 -2.51
CA ARG A 14 -6.16 -0.09 -1.38
C ARG A 14 -7.55 -0.46 -1.86
N LYS A 15 -7.91 0.03 -3.04
CA LYS A 15 -9.20 -0.30 -3.62
C LYS A 15 -9.28 -1.79 -3.86
N GLN A 16 -8.21 -2.34 -4.44
CA GLN A 16 -8.14 -3.77 -4.73
C GLN A 16 -7.99 -4.61 -3.46
N THR A 17 -6.93 -4.35 -2.69
CA THR A 17 -6.67 -5.09 -1.47
C THR A 17 -7.66 -4.78 -0.36
N GLY A 18 -8.27 -3.60 -0.42
CA GLY A 18 -9.20 -3.21 0.60
C GLY A 18 -8.51 -2.80 1.87
N CYS A 19 -8.46 -3.72 2.81
CA CYS A 19 -7.84 -3.53 4.11
C CYS A 19 -6.80 -2.40 4.12
N PRO A 20 -6.79 -1.57 5.18
CA PRO A 20 -5.85 -0.44 5.30
C PRO A 20 -4.39 -0.87 5.36
N TYR A 21 -4.14 -2.16 5.54
CA TYR A 21 -2.78 -2.66 5.63
C TYR A 21 -2.07 -2.56 4.28
N GLY A 22 -0.73 -2.69 4.32
CA GLY A 22 0.05 -2.60 3.11
C GLY A 22 1.36 -3.37 3.20
N LYS A 23 1.88 -3.82 2.06
CA LYS A 23 3.13 -4.55 2.03
C LYS A 23 4.26 -3.63 1.57
N CYS A 24 3.93 -2.35 1.44
CA CYS A 24 4.88 -1.33 1.00
C CYS A 24 6.25 -1.49 1.66
N MET A 25 7.29 -1.46 0.84
CA MET A 25 8.65 -1.60 1.33
C MET A 25 9.43 -0.31 1.10
N ASN A 26 10.32 0.02 2.02
CA ASN A 26 11.12 1.24 1.92
C ASN A 26 11.72 1.38 0.53
N ARG A 27 11.40 2.49 -0.13
CA ARG A 27 11.89 2.77 -1.48
C ARG A 27 11.18 1.91 -2.51
N LYS A 28 9.93 1.54 -2.19
CA LYS A 28 9.13 0.72 -3.09
C LYS A 28 7.81 0.30 -2.43
N CYS A 29 6.74 1.02 -2.75
CA CYS A 29 5.43 0.72 -2.19
C CYS A 29 4.89 -0.59 -2.72
N LYS A 30 3.89 -1.12 -2.03
CA LYS A 30 3.25 -2.38 -2.43
C LYS A 30 2.22 -2.82 -1.40
N CYS A 31 1.01 -2.30 -1.56
CA CYS A 31 -0.13 -2.61 -0.69
C CYS A 31 -0.16 -4.07 -0.25
N ASN A 32 -1.05 -4.33 0.67
CA ASN A 32 -1.23 -5.65 1.25
C ASN A 32 -2.24 -6.46 0.46
N ARG A 33 -2.48 -7.67 0.93
CA ARG A 33 -3.44 -8.56 0.29
C ARG A 33 -4.01 -9.53 1.30
N CYS A 34 -4.92 -9.00 2.11
CA CYS A 34 -5.58 -9.72 3.13
C CYS A 34 -6.61 -10.69 2.55
N VAL A 1 3.77 0.66 11.16
CA VAL A 1 3.27 0.19 9.85
C VAL A 1 4.21 0.59 8.72
N SER A 2 4.41 -0.32 7.77
CA SER A 2 5.29 -0.06 6.64
C SER A 2 4.66 0.92 5.67
N CYS A 3 5.34 2.04 5.43
CA CYS A 3 4.84 3.06 4.51
C CYS A 3 3.49 3.60 4.99
N THR A 4 3.07 4.71 4.42
CA THR A 4 1.80 5.33 4.79
C THR A 4 0.96 5.63 3.55
N GLY A 5 1.03 4.74 2.56
CA GLY A 5 0.28 4.93 1.34
C GLY A 5 0.78 6.11 0.52
N SER A 6 2.09 6.36 0.60
CA SER A 6 2.69 7.46 -0.15
C SER A 6 2.46 7.32 -1.64
N LYS A 7 2.75 8.38 -2.39
CA LYS A 7 2.58 8.38 -3.84
C LYS A 7 1.25 7.76 -4.24
N ASP A 8 0.27 7.90 -3.37
CA ASP A 8 -1.07 7.36 -3.59
C ASP A 8 -0.99 5.91 -4.01
N CYS A 9 -0.30 5.14 -3.20
CA CYS A 9 -0.12 3.71 -3.45
C CYS A 9 -1.17 2.88 -2.74
N TYR A 10 -1.08 2.84 -1.42
CA TYR A 10 -2.01 2.08 -0.60
C TYR A 10 -3.47 2.42 -0.93
N ALA A 11 -3.68 3.60 -1.52
CA ALA A 11 -5.03 4.03 -1.87
C ALA A 11 -5.61 3.22 -3.02
N PRO A 12 -5.05 3.36 -4.24
CA PRO A 12 -5.52 2.63 -5.42
C PRO A 12 -5.59 1.13 -5.15
N CYS A 13 -4.79 0.68 -4.18
CA CYS A 13 -4.75 -0.72 -3.80
C CYS A 13 -5.85 -1.04 -2.82
N ARG A 14 -5.90 -0.30 -1.73
CA ARG A 14 -6.92 -0.52 -0.71
C ARG A 14 -8.29 -0.61 -1.35
N LYS A 15 -8.52 0.24 -2.34
CA LYS A 15 -9.79 0.23 -3.05
C LYS A 15 -10.01 -1.16 -3.62
N GLN A 16 -8.97 -1.73 -4.21
CA GLN A 16 -9.04 -3.06 -4.78
C GLN A 16 -9.11 -4.12 -3.68
N THR A 17 -8.02 -4.23 -2.92
CA THR A 17 -7.93 -5.22 -1.85
C THR A 17 -8.83 -4.89 -0.65
N GLY A 18 -8.58 -3.73 -0.06
CA GLY A 18 -9.31 -3.31 1.09
C GLY A 18 -8.40 -2.68 2.12
N CYS A 19 -8.28 -3.35 3.26
CA CYS A 19 -7.42 -2.89 4.35
C CYS A 19 -6.26 -2.02 3.87
N PRO A 20 -5.87 -1.02 4.67
CA PRO A 20 -4.78 -0.09 4.33
C PRO A 20 -3.37 -0.66 4.49
N TYR A 21 -3.26 -1.96 4.78
CA TYR A 21 -1.97 -2.57 4.95
C TYR A 21 -1.23 -2.66 3.62
N GLY A 22 0.08 -2.92 3.69
CA GLY A 22 0.89 -3.03 2.48
C GLY A 22 2.27 -3.60 2.75
N LYS A 23 2.83 -4.29 1.76
CA LYS A 23 4.17 -4.86 1.90
C LYS A 23 5.22 -3.91 1.31
N CYS A 24 4.77 -2.71 0.95
CA CYS A 24 5.63 -1.69 0.38
C CYS A 24 6.94 -1.56 1.17
N MET A 25 8.05 -1.66 0.46
CA MET A 25 9.37 -1.55 1.08
C MET A 25 9.99 -0.20 0.74
N ASN A 26 10.76 0.33 1.68
CA ASN A 26 11.40 1.64 1.48
C ASN A 26 12.04 1.73 0.10
N ARG A 27 11.56 2.71 -0.68
CA ARG A 27 12.06 2.92 -2.04
C ARG A 27 11.48 1.89 -3.01
N LYS A 28 10.26 1.43 -2.71
CA LYS A 28 9.59 0.45 -3.56
C LYS A 28 8.29 -0.04 -2.92
N CYS A 29 7.16 0.38 -3.48
CA CYS A 29 5.85 -0.01 -2.98
C CYS A 29 5.58 -1.48 -3.25
N LYS A 30 4.57 -2.02 -2.56
CA LYS A 30 4.20 -3.42 -2.73
C LYS A 30 3.16 -3.85 -1.71
N CYS A 31 1.90 -3.57 -2.02
CA CYS A 31 0.76 -3.93 -1.17
C CYS A 31 0.95 -5.26 -0.47
N ASN A 32 0.14 -5.48 0.54
CA ASN A 32 0.19 -6.68 1.35
C ASN A 32 -0.96 -7.61 1.02
N ARG A 33 -0.99 -8.74 1.72
CA ARG A 33 -2.05 -9.72 1.54
C ARG A 33 -3.32 -9.16 2.14
N CYS A 34 -3.91 -8.23 1.41
CA CYS A 34 -5.12 -7.56 1.83
C CYS A 34 -6.32 -8.00 1.00
N VAL A 1 0.85 0.08 11.15
CA VAL A 1 0.71 0.38 9.71
C VAL A 1 2.07 0.67 9.08
N SER A 2 2.28 0.17 7.87
CA SER A 2 3.54 0.39 7.17
C SER A 2 3.42 1.54 6.18
N CYS A 3 4.45 2.39 6.13
CA CYS A 3 4.46 3.54 5.23
C CYS A 3 3.30 4.48 5.55
N THR A 4 3.34 5.67 4.97
CA THR A 4 2.29 6.67 5.19
C THR A 4 2.52 7.90 4.31
N GLY A 5 3.00 7.67 3.09
CA GLY A 5 3.24 8.76 2.17
C GLY A 5 2.97 8.39 0.74
N SER A 6 4.02 8.20 -0.04
CA SER A 6 3.89 7.83 -1.44
C SER A 6 3.14 8.91 -2.23
N LYS A 7 2.61 8.54 -3.39
CA LYS A 7 1.87 9.46 -4.23
C LYS A 7 0.61 8.81 -4.77
N ASP A 8 -0.18 8.25 -3.86
CA ASP A 8 -1.43 7.57 -4.22
C ASP A 8 -1.15 6.10 -4.58
N CYS A 9 -0.39 5.43 -3.72
CA CYS A 9 -0.04 4.04 -3.94
C CYS A 9 -0.98 3.11 -3.19
N TYR A 10 -0.93 3.21 -1.87
CA TYR A 10 -1.78 2.39 -1.01
C TYR A 10 -3.26 2.52 -1.40
N ALA A 11 -3.60 3.62 -2.06
CA ALA A 11 -4.99 3.86 -2.46
C ALA A 11 -5.46 2.94 -3.58
N PRO A 12 -4.87 3.07 -4.78
CA PRO A 12 -5.24 2.25 -5.94
C PRO A 12 -5.32 0.76 -5.59
N CYS A 13 -4.56 0.36 -4.59
CA CYS A 13 -4.54 -1.04 -4.17
C CYS A 13 -5.50 -1.28 -3.02
N ARG A 14 -5.41 -0.46 -1.98
CA ARG A 14 -6.26 -0.62 -0.81
C ARG A 14 -7.70 -0.85 -1.23
N LYS A 15 -8.08 -0.28 -2.36
CA LYS A 15 -9.43 -0.46 -2.87
C LYS A 15 -9.65 -1.95 -3.16
N GLN A 16 -8.72 -2.53 -3.91
CA GLN A 16 -8.79 -3.94 -4.25
C GLN A 16 -8.49 -4.83 -3.04
N THR A 17 -7.32 -4.63 -2.42
CA THR A 17 -6.90 -5.42 -1.28
C THR A 17 -7.72 -5.10 -0.02
N GLY A 18 -8.54 -4.06 -0.10
CA GLY A 18 -9.34 -3.70 1.05
C GLY A 18 -8.50 -3.13 2.17
N CYS A 19 -8.35 -3.92 3.22
CA CYS A 19 -7.58 -3.55 4.41
C CYS A 19 -6.55 -2.45 4.13
N PRO A 20 -6.43 -1.46 5.05
CA PRO A 20 -5.48 -0.34 4.90
C PRO A 20 -4.02 -0.76 4.95
N TYR A 21 -3.75 -2.03 5.26
CA TYR A 21 -2.40 -2.52 5.36
C TYR A 21 -1.74 -2.58 3.98
N GLY A 22 -0.42 -2.71 3.97
CA GLY A 22 0.33 -2.78 2.72
C GLY A 22 1.70 -3.40 2.89
N LYS A 23 2.26 -3.94 1.81
CA LYS A 23 3.58 -4.55 1.87
C LYS A 23 4.65 -3.55 1.42
N CYS A 24 4.23 -2.30 1.22
CA CYS A 24 5.13 -1.24 0.79
C CYS A 24 6.43 -1.24 1.60
N MET A 25 7.55 -1.39 0.90
CA MET A 25 8.86 -1.40 1.53
C MET A 25 9.54 -0.06 1.33
N ASN A 26 10.30 0.37 2.32
CA ASN A 26 11.01 1.65 2.25
C ASN A 26 11.70 1.83 0.90
N ARG A 27 11.34 2.90 0.20
CA ARG A 27 11.91 3.20 -1.11
C ARG A 27 11.30 2.31 -2.18
N LYS A 28 10.05 1.90 -1.96
CA LYS A 28 9.34 1.03 -2.91
C LYS A 28 8.03 0.51 -2.32
N CYS A 29 6.93 1.13 -2.72
CA CYS A 29 5.62 0.72 -2.23
C CYS A 29 5.21 -0.63 -2.80
N LYS A 30 4.21 -1.25 -2.19
CA LYS A 30 3.71 -2.54 -2.63
C LYS A 30 2.67 -3.09 -1.65
N CYS A 31 1.41 -2.71 -1.90
CA CYS A 31 0.26 -3.15 -1.09
C CYS A 31 0.41 -4.56 -0.56
N ASN A 32 -0.46 -4.87 0.39
CA ASN A 32 -0.45 -6.16 1.05
C ASN A 32 -1.37 -7.15 0.34
N ARG A 33 -1.42 -8.36 0.88
CA ARG A 33 -2.27 -9.41 0.33
C ARG A 33 -3.37 -9.76 1.33
N CYS A 34 -4.51 -9.09 1.19
CA CYS A 34 -5.64 -9.30 2.06
C CYS A 34 -6.38 -10.60 1.72
N VAL A 1 8.13 0.69 7.49
CA VAL A 1 6.75 0.80 8.05
C VAL A 1 6.04 2.03 7.56
N SER A 2 6.66 2.50 6.61
CA SER A 2 6.28 3.69 5.86
C SER A 2 6.40 3.46 4.36
N CYS A 3 5.28 3.64 3.65
CA CYS A 3 5.27 3.45 2.21
C CYS A 3 6.23 4.39 1.52
N THR A 4 6.27 4.29 0.19
CA THR A 4 7.14 5.13 -0.62
C THR A 4 6.49 6.48 -0.92
N GLY A 5 6.01 7.14 0.14
CA GLY A 5 5.38 8.44 -0.03
C GLY A 5 4.23 8.41 -1.04
N SER A 6 4.10 9.48 -1.81
CA SER A 6 3.05 9.58 -2.80
C SER A 6 1.67 9.49 -2.15
N LYS A 7 0.63 9.80 -2.93
CA LYS A 7 -0.74 9.75 -2.42
C LYS A 7 -1.58 8.76 -3.22
N ASP A 8 -1.27 8.61 -4.50
CA ASP A 8 -2.01 7.71 -5.37
C ASP A 8 -1.30 6.36 -5.50
N CYS A 9 -0.55 5.99 -4.46
CA CYS A 9 0.18 4.73 -4.47
C CYS A 9 -0.65 3.62 -3.85
N TYR A 10 -0.85 3.72 -2.55
CA TYR A 10 -1.63 2.73 -1.83
C TYR A 10 -3.11 2.83 -2.20
N ALA A 11 -3.48 3.89 -2.91
CA ALA A 11 -4.87 4.08 -3.31
C ALA A 11 -5.30 3.10 -4.39
N PRO A 12 -4.69 3.17 -5.59
CA PRO A 12 -5.03 2.28 -6.70
C PRO A 12 -5.17 0.83 -6.25
N CYS A 13 -4.45 0.47 -5.19
CA CYS A 13 -4.51 -0.88 -4.66
C CYS A 13 -5.54 -0.99 -3.55
N ARG A 14 -5.37 -0.18 -2.51
CA ARG A 14 -6.29 -0.22 -1.39
C ARG A 14 -7.72 -0.14 -1.87
N LYS A 15 -7.94 0.55 -2.97
CA LYS A 15 -9.27 0.66 -3.54
C LYS A 15 -9.72 -0.75 -3.91
N GLN A 16 -8.83 -1.48 -4.57
CA GLN A 16 -9.09 -2.85 -4.97
C GLN A 16 -9.10 -3.80 -3.77
N THR A 17 -7.93 -3.95 -3.15
CA THR A 17 -7.78 -4.85 -2.01
C THR A 17 -8.44 -4.31 -0.74
N GLY A 18 -8.12 -3.08 -0.39
CA GLY A 18 -8.66 -2.47 0.80
C GLY A 18 -8.05 -3.08 2.05
N CYS A 19 -7.20 -2.29 2.69
CA CYS A 19 -6.49 -2.67 3.90
C CYS A 19 -5.21 -1.87 4.08
N PRO A 20 -5.09 -1.11 5.19
CA PRO A 20 -3.92 -0.28 5.47
C PRO A 20 -2.60 -1.04 5.34
N TYR A 21 -2.65 -2.35 5.49
CA TYR A 21 -1.48 -3.19 5.40
C TYR A 21 -0.93 -3.25 3.98
N GLY A 22 0.23 -3.85 3.84
CA GLY A 22 0.85 -3.99 2.53
C GLY A 22 2.34 -4.27 2.61
N LYS A 23 2.99 -4.44 1.45
CA LYS A 23 4.41 -4.69 1.44
C LYS A 23 5.13 -3.41 1.05
N CYS A 24 4.60 -2.29 1.54
CA CYS A 24 5.14 -0.97 1.26
C CYS A 24 6.21 -0.58 2.27
N MET A 25 7.33 -0.09 1.75
CA MET A 25 8.44 0.34 2.58
C MET A 25 9.45 1.06 1.71
N ASN A 26 10.07 2.11 2.25
CA ASN A 26 11.04 2.90 1.48
C ASN A 26 11.48 2.17 0.21
N ARG A 27 11.11 2.75 -0.91
CA ARG A 27 11.43 2.17 -2.22
C ARG A 27 10.55 0.95 -2.48
N LYS A 28 9.36 0.95 -1.89
CA LYS A 28 8.42 -0.15 -2.05
C LYS A 28 6.99 0.30 -1.72
N CYS A 29 6.04 -0.12 -2.55
CA CYS A 29 4.63 0.22 -2.39
C CYS A 29 3.74 -0.92 -2.76
N LYS A 30 4.29 -2.01 -2.49
CA LYS A 30 3.69 -3.31 -2.78
C LYS A 30 2.61 -3.66 -1.78
N CYS A 31 1.46 -3.04 -1.96
CA CYS A 31 0.26 -3.26 -1.13
C CYS A 31 0.15 -4.67 -0.60
N ASN A 32 -0.89 -4.84 0.18
CA ASN A 32 -1.19 -6.10 0.83
C ASN A 32 -2.20 -6.92 0.03
N ARG A 33 -2.53 -8.08 0.55
CA ARG A 33 -3.51 -8.96 -0.07
C ARG A 33 -4.71 -9.10 0.84
N CYS A 34 -5.52 -8.06 0.84
CA CYS A 34 -6.72 -8.00 1.66
C CYS A 34 -7.98 -8.16 0.81
N VAL A 1 6.71 -3.68 6.62
CA VAL A 1 6.72 -2.22 6.93
C VAL A 1 5.46 -1.55 6.38
N SER A 2 4.91 -0.62 7.16
CA SER A 2 3.71 0.10 6.76
C SER A 2 4.06 1.52 6.31
N CYS A 3 3.37 1.98 5.27
CA CYS A 3 3.59 3.32 4.75
C CYS A 3 2.58 4.30 5.32
N THR A 4 2.78 5.58 5.03
CA THR A 4 1.88 6.63 5.50
C THR A 4 2.19 7.96 4.84
N GLY A 5 2.61 7.91 3.58
CA GLY A 5 2.93 9.12 2.85
C GLY A 5 3.79 8.85 1.63
N SER A 6 3.45 7.79 0.89
CA SER A 6 4.20 7.42 -0.30
C SER A 6 3.82 8.31 -1.48
N LYS A 7 4.24 7.92 -2.67
CA LYS A 7 3.93 8.68 -3.88
C LYS A 7 2.47 8.52 -4.27
N ASP A 8 2.08 7.30 -4.61
CA ASP A 8 0.70 7.02 -5.02
C ASP A 8 0.54 5.55 -5.38
N CYS A 9 1.03 4.66 -4.51
CA CYS A 9 0.94 3.23 -4.75
C CYS A 9 -0.02 2.58 -3.76
N TYR A 10 0.31 2.67 -2.50
CA TYR A 10 -0.51 2.09 -1.44
C TYR A 10 -1.98 2.48 -1.62
N ALA A 11 -2.20 3.64 -2.23
CA ALA A 11 -3.57 4.12 -2.47
C ALA A 11 -4.27 3.30 -3.55
N PRO A 12 -3.86 3.42 -4.82
CA PRO A 12 -4.47 2.65 -5.92
C PRO A 12 -4.55 1.19 -5.54
N CYS A 13 -3.47 0.74 -4.91
CA CYS A 13 -3.35 -0.63 -4.45
C CYS A 13 -4.41 -0.94 -3.41
N ARG A 14 -4.37 -0.17 -2.32
CA ARG A 14 -5.32 -0.38 -1.24
C ARG A 14 -6.74 -0.49 -1.78
N LYS A 15 -7.01 0.24 -2.84
CA LYS A 15 -8.32 0.20 -3.48
C LYS A 15 -8.55 -1.20 -4.05
N GLN A 16 -7.52 -1.73 -4.70
CA GLN A 16 -7.60 -3.07 -5.30
C GLN A 16 -7.64 -4.16 -4.22
N THR A 17 -6.65 -4.16 -3.34
CA THR A 17 -6.57 -5.15 -2.28
C THR A 17 -7.65 -4.93 -1.22
N GLY A 18 -7.58 -3.79 -0.57
CA GLY A 18 -8.53 -3.47 0.45
C GLY A 18 -7.87 -3.09 1.75
N CYS A 19 -8.01 -3.96 2.74
CA CYS A 19 -7.44 -3.78 4.08
C CYS A 19 -6.26 -2.80 4.09
N PRO A 20 -6.20 -1.92 5.10
CA PRO A 20 -5.13 -0.92 5.23
C PRO A 20 -3.74 -1.54 5.34
N TYR A 21 -3.68 -2.83 5.62
CA TYR A 21 -2.42 -3.53 5.76
C TYR A 21 -1.72 -3.67 4.41
N GLY A 22 -0.45 -4.06 4.47
CA GLY A 22 0.34 -4.22 3.26
C GLY A 22 1.82 -4.36 3.53
N LYS A 23 2.57 -4.87 2.56
CA LYS A 23 4.01 -5.03 2.72
C LYS A 23 4.73 -3.92 1.96
N CYS A 24 4.11 -2.75 1.94
CA CYS A 24 4.66 -1.59 1.26
C CYS A 24 5.79 -0.95 2.07
N MET A 25 6.94 -0.80 1.43
CA MET A 25 8.10 -0.20 2.08
C MET A 25 8.47 1.10 1.38
N ASN A 26 8.96 2.07 2.15
CA ASN A 26 9.34 3.36 1.60
C ASN A 26 10.17 3.21 0.34
N ARG A 27 9.72 3.84 -0.73
CA ARG A 27 10.41 3.78 -2.02
C ARG A 27 10.20 2.43 -2.69
N LYS A 28 9.07 1.79 -2.37
CA LYS A 28 8.73 0.49 -2.94
C LYS A 28 7.50 -0.10 -2.26
N CYS A 29 6.33 0.15 -2.86
CA CYS A 29 5.09 -0.33 -2.36
C CYS A 29 4.96 -1.85 -2.51
N LYS A 30 4.13 -2.46 -1.68
CA LYS A 30 3.93 -3.90 -1.72
C LYS A 30 2.69 -4.29 -0.93
N CYS A 31 1.54 -4.19 -1.59
CA CYS A 31 0.24 -4.54 -1.00
C CYS A 31 0.30 -5.74 -0.07
N ASN A 32 -0.80 -5.91 0.63
CA ASN A 32 -0.98 -6.99 1.59
C ASN A 32 -1.61 -8.20 0.93
N ARG A 33 -1.82 -9.23 1.73
CA ARG A 33 -2.46 -10.46 1.27
C ARG A 33 -3.84 -10.56 1.90
N CYS A 34 -4.78 -9.83 1.31
CA CYS A 34 -6.15 -9.79 1.80
C CYS A 34 -7.00 -10.87 1.15
N VAL A 1 5.08 -0.62 10.45
CA VAL A 1 4.16 -0.13 9.38
C VAL A 1 4.93 0.22 8.11
N SER A 2 4.35 -0.14 6.97
CA SER A 2 4.98 0.14 5.68
C SER A 2 4.29 1.31 4.98
N CYS A 3 5.08 2.33 4.65
CA CYS A 3 4.54 3.52 3.98
C CYS A 3 3.43 4.16 4.80
N THR A 4 3.09 5.39 4.45
CA THR A 4 2.03 6.11 5.16
C THR A 4 1.57 7.32 4.35
N GLY A 5 1.61 7.18 3.04
CA GLY A 5 1.18 8.27 2.17
C GLY A 5 1.75 8.14 0.76
N SER A 6 3.00 8.56 0.59
CA SER A 6 3.65 8.48 -0.72
C SER A 6 2.85 9.22 -1.78
N LYS A 7 3.18 8.98 -3.05
CA LYS A 7 2.48 9.63 -4.15
C LYS A 7 1.02 9.18 -4.21
N ASP A 8 0.81 7.88 -4.34
CA ASP A 8 -0.53 7.31 -4.40
C ASP A 8 -0.47 5.81 -4.69
N CYS A 9 -0.09 5.04 -3.68
CA CYS A 9 0.00 3.59 -3.84
C CYS A 9 -1.09 2.88 -3.05
N TYR A 10 -1.03 3.03 -1.73
CA TYR A 10 -2.01 2.41 -0.84
C TYR A 10 -3.42 2.63 -1.36
N ALA A 11 -3.62 3.75 -2.07
CA ALA A 11 -4.94 4.09 -2.59
C ALA A 11 -5.36 3.19 -3.76
N PRO A 12 -4.70 3.32 -4.93
CA PRO A 12 -5.01 2.52 -6.11
C PRO A 12 -5.19 1.04 -5.77
N CYS A 13 -4.51 0.62 -4.71
CA CYS A 13 -4.58 -0.76 -4.26
C CYS A 13 -5.70 -0.97 -3.27
N ARG A 14 -5.69 -0.20 -2.18
CA ARG A 14 -6.71 -0.34 -1.16
C ARG A 14 -8.09 -0.40 -1.79
N LYS A 15 -8.24 0.24 -2.93
CA LYS A 15 -9.50 0.22 -3.64
C LYS A 15 -9.81 -1.22 -4.06
N GLN A 16 -8.86 -1.84 -4.75
CA GLN A 16 -9.02 -3.22 -5.20
C GLN A 16 -8.94 -4.22 -4.05
N THR A 17 -7.86 -4.16 -3.27
CA THR A 17 -7.65 -5.09 -2.16
C THR A 17 -8.60 -4.86 -0.99
N GLY A 18 -8.67 -3.62 -0.55
CA GLY A 18 -9.50 -3.28 0.59
C GLY A 18 -8.66 -2.75 1.73
N CYS A 19 -8.60 -3.53 2.80
CA CYS A 19 -7.83 -3.17 3.99
C CYS A 19 -6.61 -2.30 3.65
N PRO A 20 -6.23 -1.40 4.57
CA PRO A 20 -5.10 -0.47 4.36
C PRO A 20 -3.72 -1.13 4.45
N TYR A 21 -3.66 -2.44 4.61
CA TYR A 21 -2.39 -3.13 4.70
C TYR A 21 -1.65 -3.12 3.38
N GLY A 22 -0.37 -3.45 3.42
CA GLY A 22 0.46 -3.47 2.22
C GLY A 22 1.88 -3.89 2.50
N LYS A 23 2.55 -4.49 1.50
CA LYS A 23 3.94 -4.91 1.69
C LYS A 23 4.88 -3.84 1.15
N CYS A 24 4.30 -2.73 0.72
CA CYS A 24 5.04 -1.61 0.17
C CYS A 24 6.18 -1.18 1.10
N MET A 25 7.39 -1.19 0.57
CA MET A 25 8.57 -0.80 1.33
C MET A 25 9.16 0.49 0.77
N ASN A 26 9.70 1.31 1.66
CA ASN A 26 10.30 2.59 1.26
C ASN A 26 11.18 2.41 0.02
N ARG A 27 10.89 3.17 -1.01
CA ARG A 27 11.64 3.11 -2.27
C ARG A 27 11.30 1.84 -3.04
N LYS A 28 10.07 1.37 -2.85
CA LYS A 28 9.59 0.16 -3.53
C LYS A 28 8.25 -0.31 -2.96
N CYS A 29 7.17 0.09 -3.60
CA CYS A 29 5.83 -0.29 -3.16
C CYS A 29 5.55 -1.76 -3.47
N LYS A 30 4.53 -2.30 -2.82
CA LYS A 30 4.14 -3.68 -3.03
C LYS A 30 3.10 -4.12 -2.01
N CYS A 31 1.83 -3.88 -2.33
CA CYS A 31 0.69 -4.24 -1.48
C CYS A 31 0.88 -5.60 -0.81
N ASN A 32 -0.01 -5.88 0.11
CA ASN A 32 0.02 -7.10 0.88
C ASN A 32 -1.14 -8.00 0.52
N ARG A 33 -1.21 -9.14 1.19
CA ARG A 33 -2.30 -10.09 0.96
C ARG A 33 -3.54 -9.58 1.68
N CYS A 34 -4.07 -8.51 1.13
CA CYS A 34 -5.24 -7.86 1.67
C CYS A 34 -6.48 -8.15 0.83
N VAL A 1 -3.16 3.47 9.41
CA VAL A 1 -2.22 2.47 9.98
C VAL A 1 -1.47 1.73 8.87
N SER A 2 -0.19 1.47 9.11
CA SER A 2 0.64 0.78 8.13
C SER A 2 0.76 1.58 6.85
N CYS A 3 2.00 1.91 6.47
CA CYS A 3 2.25 2.69 5.27
C CYS A 3 1.55 4.03 5.30
N THR A 4 1.73 4.79 4.24
CA THR A 4 1.13 6.10 4.11
C THR A 4 1.23 6.60 2.67
N GLY A 5 0.56 5.90 1.76
CA GLY A 5 0.57 6.26 0.35
C GLY A 5 0.65 7.76 0.12
N SER A 6 1.82 8.22 -0.32
CA SER A 6 2.02 9.65 -0.57
C SER A 6 2.05 9.94 -2.05
N LYS A 7 2.76 9.09 -2.71
CA LYS A 7 2.94 9.17 -4.16
C LYS A 7 1.65 8.82 -4.88
N ASP A 8 1.22 7.57 -4.74
CA ASP A 8 0.00 7.10 -5.37
C ASP A 8 -0.04 5.57 -5.43
N CYS A 9 0.35 4.92 -4.35
CA CYS A 9 0.35 3.46 -4.29
C CYS A 9 -0.78 2.94 -3.44
N TYR A 10 -0.67 3.16 -2.13
CA TYR A 10 -1.68 2.70 -1.19
C TYR A 10 -3.07 3.09 -1.66
N ALA A 11 -3.17 4.15 -2.45
CA ALA A 11 -4.46 4.61 -2.95
C ALA A 11 -5.04 3.66 -4.00
N PRO A 12 -4.50 3.68 -5.24
CA PRO A 12 -4.98 2.78 -6.31
C PRO A 12 -5.04 1.34 -5.82
N CYS A 13 -4.23 1.06 -4.81
CA CYS A 13 -4.16 -0.27 -4.23
C CYS A 13 -5.33 -0.51 -3.29
N ARG A 14 -5.43 0.32 -2.26
CA ARG A 14 -6.50 0.17 -1.29
C ARG A 14 -7.84 0.04 -2.00
N LYS A 15 -7.96 0.69 -3.15
CA LYS A 15 -9.18 0.58 -3.92
C LYS A 15 -9.36 -0.86 -4.35
N GLN A 16 -8.27 -1.45 -4.84
CA GLN A 16 -8.28 -2.84 -5.26
C GLN A 16 -8.37 -3.79 -4.07
N THR A 17 -7.33 -3.77 -3.22
CA THR A 17 -7.26 -4.65 -2.05
C THR A 17 -8.24 -4.25 -0.96
N GLY A 18 -8.23 -2.98 -0.59
CA GLY A 18 -9.11 -2.50 0.45
C GLY A 18 -8.75 -3.08 1.80
N CYS A 19 -8.03 -2.27 2.56
CA CYS A 19 -7.58 -2.61 3.91
C CYS A 19 -6.32 -1.82 4.27
N PRO A 20 -6.22 -1.34 5.52
CA PRO A 20 -5.07 -0.54 5.98
C PRO A 20 -3.74 -1.31 5.93
N TYR A 21 -3.81 -2.62 5.76
CA TYR A 21 -2.62 -3.45 5.71
C TYR A 21 -1.81 -3.20 4.43
N GLY A 22 -0.55 -3.64 4.46
CA GLY A 22 0.32 -3.48 3.30
C GLY A 22 1.77 -3.80 3.63
N LYS A 23 2.49 -4.40 2.67
CA LYS A 23 3.90 -4.72 2.91
C LYS A 23 4.78 -3.76 2.11
N CYS A 24 4.34 -2.52 2.04
CA CYS A 24 5.05 -1.49 1.31
C CYS A 24 6.37 -1.13 1.99
N MET A 25 7.46 -1.17 1.24
CA MET A 25 8.78 -0.85 1.77
C MET A 25 9.30 0.44 1.18
N ASN A 26 10.01 1.22 1.99
CA ASN A 26 10.57 2.49 1.53
C ASN A 26 11.26 2.35 0.18
N ARG A 27 10.81 3.16 -0.78
CA ARG A 27 11.37 3.13 -2.13
C ARG A 27 10.88 1.90 -2.87
N LYS A 28 9.70 1.42 -2.50
CA LYS A 28 9.11 0.24 -3.14
C LYS A 28 7.90 -0.25 -2.35
N CYS A 29 6.73 0.29 -2.68
CA CYS A 29 5.49 -0.08 -2.03
C CYS A 29 5.09 -1.50 -2.39
N LYS A 30 4.14 -2.05 -1.63
CA LYS A 30 3.67 -3.41 -1.87
C LYS A 30 2.60 -3.81 -0.86
N CYS A 31 1.33 -3.59 -1.23
CA CYS A 31 0.17 -3.94 -0.40
C CYS A 31 0.34 -5.26 0.31
N ASN A 32 -0.61 -5.53 1.17
CA ASN A 32 -0.64 -6.74 1.96
C ASN A 32 -1.45 -7.83 1.26
N ARG A 33 -1.52 -8.98 1.92
CA ARG A 33 -2.28 -10.11 1.40
C ARG A 33 -3.71 -10.04 1.91
N CYS A 34 -4.50 -9.23 1.22
CA CYS A 34 -5.90 -9.02 1.59
C CYS A 34 -6.82 -9.96 0.81
N VAL A 1 8.22 -0.39 11.52
CA VAL A 1 7.66 -0.25 10.16
C VAL A 1 7.34 1.21 9.84
N SER A 2 7.63 1.63 8.62
CA SER A 2 7.38 3.00 8.19
C SER A 2 7.26 3.09 6.67
N CYS A 3 6.12 3.58 6.20
CA CYS A 3 5.89 3.72 4.76
C CYS A 3 5.29 5.07 4.42
N THR A 4 4.98 5.23 3.16
CA THR A 4 4.40 6.45 2.64
C THR A 4 3.41 6.13 1.53
N GLY A 5 2.29 5.49 1.90
CA GLY A 5 1.27 5.12 0.93
C GLY A 5 1.01 6.21 -0.10
N SER A 6 1.08 7.46 0.33
CA SER A 6 0.85 8.59 -0.58
C SER A 6 -0.50 8.43 -1.29
N LYS A 7 -0.67 9.12 -2.40
CA LYS A 7 -1.91 9.06 -3.16
C LYS A 7 -1.68 8.47 -4.56
N ASP A 8 -0.52 7.84 -4.76
CA ASP A 8 -0.20 7.25 -6.05
C ASP A 8 0.13 5.78 -5.94
N CYS A 9 0.35 5.31 -4.72
CA CYS A 9 0.69 3.92 -4.48
C CYS A 9 -0.40 3.21 -3.67
N TYR A 10 -0.50 3.57 -2.40
CA TYR A 10 -1.49 2.97 -1.52
C TYR A 10 -2.90 3.20 -2.07
N ALA A 11 -3.04 4.17 -2.96
CA ALA A 11 -4.36 4.47 -3.54
C ALA A 11 -4.81 3.37 -4.50
N PRO A 12 -4.15 3.26 -5.67
CA PRO A 12 -4.51 2.25 -6.68
C PRO A 12 -4.54 0.84 -6.08
N CYS A 13 -3.84 0.67 -4.97
CA CYS A 13 -3.79 -0.63 -4.32
C CYS A 13 -4.88 -0.75 -3.26
N ARG A 14 -5.03 0.27 -2.42
CA ARG A 14 -6.05 0.25 -1.38
C ARG A 14 -7.39 -0.11 -1.98
N LYS A 15 -7.64 0.33 -3.20
CA LYS A 15 -8.89 0.00 -3.86
C LYS A 15 -9.01 -1.52 -3.96
N GLN A 16 -7.92 -2.15 -4.40
CA GLN A 16 -7.88 -3.60 -4.52
C GLN A 16 -7.85 -4.29 -3.16
N THR A 17 -6.80 -4.02 -2.38
CA THR A 17 -6.62 -4.62 -1.07
C THR A 17 -7.63 -4.11 -0.05
N GLY A 18 -7.71 -2.80 0.05
CA GLY A 18 -8.64 -2.17 0.98
C GLY A 18 -8.36 -2.56 2.42
N CYS A 19 -7.62 -1.70 3.08
CA CYS A 19 -7.23 -1.86 4.48
C CYS A 19 -5.94 -1.11 4.78
N PRO A 20 -5.72 -0.72 6.04
CA PRO A 20 -4.53 0.03 6.46
C PRO A 20 -3.23 -0.75 6.31
N TYR A 21 -3.33 -2.07 6.17
CA TYR A 21 -2.17 -2.92 6.04
C TYR A 21 -1.48 -2.70 4.68
N GLY A 22 -0.24 -3.15 4.59
CA GLY A 22 0.52 -3.00 3.35
C GLY A 22 1.80 -3.81 3.34
N LYS A 23 2.23 -4.24 2.15
CA LYS A 23 3.46 -5.01 2.03
C LYS A 23 4.61 -4.11 1.59
N CYS A 24 4.40 -2.80 1.71
CA CYS A 24 5.41 -1.82 1.34
C CYS A 24 6.70 -2.02 2.13
N MET A 25 7.78 -2.29 1.41
CA MET A 25 9.09 -2.49 2.03
C MET A 25 10.10 -1.57 1.37
N ASN A 26 11.06 -1.09 2.14
CA ASN A 26 12.03 -0.20 1.57
C ASN A 26 11.32 0.96 0.96
N ARG A 27 12.08 1.71 0.23
CA ARG A 27 11.55 2.87 -0.47
C ARG A 27 10.66 2.39 -1.61
N LYS A 28 10.39 1.11 -1.57
CA LYS A 28 9.54 0.46 -2.57
C LYS A 28 8.20 0.03 -1.95
N CYS A 29 7.15 0.79 -2.22
CA CYS A 29 5.83 0.50 -1.69
C CYS A 29 5.25 -0.76 -2.32
N LYS A 30 4.21 -1.29 -1.69
CA LYS A 30 3.55 -2.49 -2.17
C LYS A 30 2.49 -2.99 -1.18
N CYS A 31 1.30 -2.44 -1.31
CA CYS A 31 0.15 -2.79 -0.46
C CYS A 31 0.12 -4.26 -0.10
N ASN A 32 -0.71 -4.56 0.87
CA ASN A 32 -0.86 -5.92 1.37
C ASN A 32 -1.94 -6.69 0.61
N ARG A 33 -2.13 -7.94 1.00
CA ARG A 33 -3.14 -8.79 0.39
C ARG A 33 -4.30 -8.99 1.36
N CYS A 34 -5.29 -8.12 1.25
CA CYS A 34 -6.44 -8.18 2.11
C CYS A 34 -7.42 -9.26 1.67
N VAL A 1 0.13 -2.60 9.55
CA VAL A 1 0.25 -1.22 9.04
C VAL A 1 1.71 -0.83 8.85
N SER A 2 2.01 -0.15 7.74
CA SER A 2 3.37 0.28 7.44
C SER A 2 3.38 1.32 6.33
N CYS A 3 4.27 2.30 6.45
CA CYS A 3 4.41 3.38 5.46
C CYS A 3 3.06 3.93 5.02
N THR A 4 3.12 4.91 4.13
CA THR A 4 1.91 5.55 3.62
C THR A 4 1.89 5.50 2.08
N GLY A 5 2.61 4.53 1.51
CA GLY A 5 2.66 4.40 0.07
C GLY A 5 3.22 5.63 -0.61
N SER A 6 3.74 5.45 -1.81
CA SER A 6 4.31 6.55 -2.58
C SER A 6 3.25 7.63 -2.84
N LYS A 7 3.55 8.53 -3.77
CA LYS A 7 2.62 9.61 -4.12
C LYS A 7 1.25 9.05 -4.48
N ASP A 8 1.21 7.80 -4.93
CA ASP A 8 -0.03 7.17 -5.32
C ASP A 8 0.15 5.66 -5.47
N CYS A 9 0.61 5.02 -4.41
CA CYS A 9 0.83 3.58 -4.42
C CYS A 9 -0.24 2.85 -3.61
N TYR A 10 -0.21 3.06 -2.31
CA TYR A 10 -1.16 2.43 -1.42
C TYR A 10 -2.60 2.60 -1.93
N ALA A 11 -2.82 3.67 -2.71
CA ALA A 11 -4.15 3.96 -3.24
C ALA A 11 -4.59 2.99 -4.33
N PRO A 12 -3.92 3.01 -5.50
CA PRO A 12 -4.27 2.14 -6.63
C PRO A 12 -4.50 0.70 -6.20
N CYS A 13 -3.84 0.29 -5.12
CA CYS A 13 -3.99 -1.06 -4.63
C CYS A 13 -5.02 -1.17 -3.52
N ARG A 14 -4.94 -0.27 -2.53
CA ARG A 14 -5.87 -0.29 -1.41
C ARG A 14 -7.30 -0.45 -1.90
N LYS A 15 -7.57 0.07 -3.09
CA LYS A 15 -8.89 -0.05 -3.67
C LYS A 15 -9.22 -1.52 -3.89
N GLN A 16 -8.29 -2.22 -4.55
CA GLN A 16 -8.43 -3.64 -4.83
C GLN A 16 -8.30 -4.48 -3.56
N THR A 17 -7.17 -4.31 -2.86
CA THR A 17 -6.91 -5.08 -1.65
C THR A 17 -7.81 -4.66 -0.49
N GLY A 18 -8.51 -3.53 -0.65
CA GLY A 18 -9.38 -3.07 0.42
C GLY A 18 -8.60 -2.66 1.63
N CYS A 19 -8.62 -3.54 2.62
CA CYS A 19 -7.93 -3.33 3.89
C CYS A 19 -6.79 -2.32 3.81
N PRO A 20 -6.65 -1.45 4.84
CA PRO A 20 -5.61 -0.42 4.87
C PRO A 20 -4.19 -0.98 4.96
N TYR A 21 -4.05 -2.29 5.12
CA TYR A 21 -2.76 -2.91 5.23
C TYR A 21 -2.00 -2.86 3.90
N GLY A 22 -0.70 -3.13 3.98
CA GLY A 22 0.13 -3.12 2.78
C GLY A 22 1.49 -3.74 3.02
N LYS A 23 2.11 -4.29 1.97
CA LYS A 23 3.42 -4.89 2.10
C LYS A 23 4.50 -3.89 1.73
N CYS A 24 4.11 -2.63 1.56
CA CYS A 24 5.02 -1.56 1.20
C CYS A 24 6.19 -1.48 2.19
N MET A 25 7.39 -1.39 1.65
CA MET A 25 8.60 -1.31 2.46
C MET A 25 9.69 -0.58 1.69
N ASN A 26 10.52 0.16 2.39
CA ASN A 26 11.56 0.90 1.69
C ASN A 26 10.92 1.76 0.65
N ARG A 27 11.76 2.29 -0.16
CA ARG A 27 11.35 3.13 -1.27
C ARG A 27 10.68 2.26 -2.31
N LYS A 28 10.42 1.04 -1.90
CA LYS A 28 9.76 0.05 -2.75
C LYS A 28 8.42 -0.39 -2.16
N CYS A 29 7.36 0.28 -2.55
CA CYS A 29 6.02 -0.03 -2.07
C CYS A 29 5.54 -1.36 -2.60
N LYS A 30 4.49 -1.88 -1.97
CA LYS A 30 3.90 -3.15 -2.38
C LYS A 30 2.72 -3.53 -1.49
N CYS A 31 1.53 -3.08 -1.89
CA CYS A 31 0.29 -3.36 -1.17
C CYS A 31 0.23 -4.74 -0.56
N ASN A 32 -0.75 -4.93 0.29
CA ASN A 32 -0.95 -6.18 1.00
C ASN A 32 -1.77 -7.16 0.17
N ARG A 33 -1.99 -8.33 0.74
CA ARG A 33 -2.77 -9.38 0.09
C ARG A 33 -4.01 -9.69 0.92
N CYS A 34 -5.08 -8.96 0.64
CA CYS A 34 -6.34 -9.14 1.35
C CYS A 34 -7.12 -10.34 0.83
N VAL A 1 6.74 -2.79 7.30
CA VAL A 1 6.78 -1.37 6.84
C VAL A 1 5.38 -0.84 6.56
N SER A 2 5.14 0.41 6.96
CA SER A 2 3.84 1.03 6.75
C SER A 2 3.90 2.06 5.63
N CYS A 3 2.86 2.09 4.80
CA CYS A 3 2.81 3.04 3.69
C CYS A 3 2.27 4.39 4.14
N THR A 4 2.30 5.36 3.25
CA THR A 4 1.82 6.70 3.55
C THR A 4 1.34 7.44 2.30
N GLY A 5 0.38 6.84 1.60
CA GLY A 5 -0.16 7.45 0.39
C GLY A 5 0.91 7.71 -0.66
N SER A 6 1.57 8.86 -0.57
CA SER A 6 2.63 9.22 -1.51
C SER A 6 2.07 9.39 -2.93
N LYS A 7 2.76 8.82 -3.89
CA LYS A 7 2.38 8.91 -5.30
C LYS A 7 0.93 8.48 -5.53
N ASP A 8 0.37 7.72 -4.57
CA ASP A 8 -1.01 7.24 -4.66
C ASP A 8 -1.05 5.78 -5.12
N CYS A 9 -0.18 4.97 -4.53
CA CYS A 9 -0.10 3.56 -4.85
C CYS A 9 -1.04 2.75 -3.98
N TYR A 10 -0.72 2.76 -2.71
CA TYR A 10 -1.49 2.05 -1.69
C TYR A 10 -2.97 2.41 -1.75
N ALA A 11 -3.28 3.57 -2.34
CA ALA A 11 -4.68 3.99 -2.46
C ALA A 11 -5.44 3.16 -3.50
N PRO A 12 -5.22 3.42 -4.81
CA PRO A 12 -5.90 2.67 -5.86
C PRO A 12 -5.79 1.17 -5.61
N CYS A 13 -4.72 0.80 -4.92
CA CYS A 13 -4.45 -0.58 -4.55
C CYS A 13 -5.37 -1.01 -3.44
N ARG A 14 -5.26 -0.34 -2.31
CA ARG A 14 -6.08 -0.65 -1.15
C ARG A 14 -7.52 -0.86 -1.58
N LYS A 15 -7.94 -0.12 -2.59
CA LYS A 15 -9.28 -0.27 -3.12
C LYS A 15 -9.46 -1.70 -3.62
N GLN A 16 -8.51 -2.15 -4.44
CA GLN A 16 -8.54 -3.51 -4.98
C GLN A 16 -8.22 -4.55 -3.90
N THR A 17 -7.05 -4.42 -3.28
CA THR A 17 -6.59 -5.35 -2.25
C THR A 17 -7.39 -5.24 -0.95
N GLY A 18 -8.29 -4.27 -0.87
CA GLY A 18 -9.05 -4.11 0.36
C GLY A 18 -8.16 -3.76 1.52
N CYS A 19 -8.08 -4.68 2.48
CA CYS A 19 -7.24 -4.51 3.66
C CYS A 19 -6.28 -3.33 3.54
N PRO A 20 -6.50 -2.25 4.34
CA PRO A 20 -5.68 -1.04 4.30
C PRO A 20 -4.17 -1.29 4.34
N TYR A 21 -3.76 -2.45 4.83
CA TYR A 21 -2.35 -2.77 4.92
C TYR A 21 -1.73 -2.99 3.55
N GLY A 22 -0.40 -3.01 3.54
CA GLY A 22 0.34 -3.20 2.30
C GLY A 22 1.75 -3.70 2.55
N LYS A 23 2.35 -4.38 1.57
CA LYS A 23 3.72 -4.88 1.73
C LYS A 23 4.69 -3.88 1.12
N CYS A 24 4.16 -2.72 0.73
CA CYS A 24 4.96 -1.65 0.13
C CYS A 24 6.17 -1.33 1.00
N MET A 25 7.34 -1.26 0.37
CA MET A 25 8.57 -0.95 1.08
C MET A 25 9.16 0.37 0.59
N ASN A 26 9.72 1.14 1.52
CA ASN A 26 10.32 2.44 1.17
C ASN A 26 11.01 2.39 -0.18
N ARG A 27 10.55 3.23 -1.09
CA ARG A 27 11.12 3.29 -2.44
C ARG A 27 10.64 2.10 -3.27
N LYS A 28 9.44 1.63 -2.96
CA LYS A 28 8.86 0.48 -3.66
C LYS A 28 7.48 0.15 -3.14
N CYS A 29 6.61 -0.30 -4.04
CA CYS A 29 5.25 -0.65 -3.69
C CYS A 29 5.04 -2.15 -3.76
N LYS A 30 4.01 -2.62 -3.07
CA LYS A 30 3.67 -4.04 -3.05
C LYS A 30 2.66 -4.33 -1.95
N CYS A 31 1.40 -4.05 -2.26
CA CYS A 31 0.27 -4.28 -1.36
C CYS A 31 0.40 -5.55 -0.54
N ASN A 32 -0.48 -5.66 0.43
CA ASN A 32 -0.53 -6.78 1.35
C ASN A 32 -1.55 -7.81 0.89
N ARG A 33 -1.85 -8.72 1.79
CA ARG A 33 -2.83 -9.77 1.54
C ARG A 33 -4.21 -9.20 1.43
N CYS A 34 -5.13 -10.09 1.20
CA CYS A 34 -6.52 -9.78 1.10
C CYS A 34 -6.78 -8.64 0.11
N VAL A 1 6.86 -2.57 7.77
CA VAL A 1 5.37 -2.59 7.85
C VAL A 1 4.81 -1.17 7.93
N SER A 2 3.72 -0.93 7.20
CA SER A 2 3.09 0.38 7.19
C SER A 2 4.02 1.43 6.61
N CYS A 3 3.58 2.08 5.53
CA CYS A 3 4.38 3.11 4.88
C CYS A 3 3.56 4.36 4.61
N THR A 4 4.21 5.40 4.11
CA THR A 4 3.55 6.66 3.81
C THR A 4 4.41 7.52 2.88
N GLY A 5 5.20 6.86 2.04
CA GLY A 5 6.06 7.57 1.11
C GLY A 5 5.47 7.64 -0.28
N SER A 6 4.67 6.64 -0.63
CA SER A 6 4.04 6.59 -1.95
C SER A 6 3.17 7.81 -2.18
N LYS A 7 2.29 7.73 -3.18
CA LYS A 7 1.39 8.83 -3.49
C LYS A 7 0.10 8.32 -4.13
N ASP A 8 0.22 7.33 -5.02
CA ASP A 8 -0.94 6.76 -5.70
C ASP A 8 -0.84 5.24 -5.76
N CYS A 9 -0.39 4.63 -4.67
CA CYS A 9 -0.26 3.18 -4.60
C CYS A 9 -1.35 2.56 -3.76
N TYR A 10 -1.32 2.83 -2.47
CA TYR A 10 -2.31 2.30 -1.54
C TYR A 10 -3.72 2.59 -2.04
N ALA A 11 -3.87 3.62 -2.85
CA ALA A 11 -5.18 3.99 -3.37
C ALA A 11 -5.71 2.99 -4.40
N PRO A 12 -5.11 2.95 -5.61
CA PRO A 12 -5.52 2.03 -6.67
C PRO A 12 -5.62 0.59 -6.17
N CYS A 13 -4.90 0.30 -5.10
CA CYS A 13 -4.89 -1.02 -4.52
C CYS A 13 -5.97 -1.18 -3.47
N ARG A 14 -6.01 -0.26 -2.52
CA ARG A 14 -7.00 -0.33 -1.46
C ARG A 14 -8.38 -0.57 -2.03
N LYS A 15 -8.63 -0.01 -3.21
CA LYS A 15 -9.91 -0.22 -3.87
C LYS A 15 -10.10 -1.70 -4.10
N GLN A 16 -9.07 -2.34 -4.64
CA GLN A 16 -9.10 -3.77 -4.91
C GLN A 16 -9.04 -4.58 -3.60
N THR A 17 -7.94 -4.42 -2.88
CA THR A 17 -7.73 -5.14 -1.63
C THR A 17 -8.63 -4.63 -0.51
N GLY A 18 -8.48 -3.36 -0.20
CA GLY A 18 -9.25 -2.75 0.85
C GLY A 18 -8.73 -3.12 2.22
N CYS A 19 -7.97 -2.20 2.79
CA CYS A 19 -7.37 -2.34 4.10
C CYS A 19 -6.10 -1.48 4.20
N PRO A 20 -5.91 -0.76 5.32
CA PRO A 20 -4.74 0.11 5.53
C PRO A 20 -3.41 -0.64 5.46
N TYR A 21 -3.45 -1.96 5.55
CA TYR A 21 -2.25 -2.77 5.52
C TYR A 21 -1.60 -2.76 4.14
N GLY A 22 -0.34 -3.18 4.10
CA GLY A 22 0.40 -3.23 2.84
C GLY A 22 1.82 -3.72 3.04
N LYS A 23 2.42 -4.30 1.99
CA LYS A 23 3.79 -4.78 2.08
C LYS A 23 4.75 -3.76 1.46
N CYS A 24 4.20 -2.62 1.05
CA CYS A 24 4.98 -1.55 0.44
C CYS A 24 6.19 -1.20 1.29
N MET A 25 7.38 -1.41 0.73
CA MET A 25 8.63 -1.10 1.42
C MET A 25 9.26 0.14 0.84
N ASN A 26 9.91 0.93 1.68
CA ASN A 26 10.55 2.17 1.26
C ASN A 26 11.32 1.96 -0.05
N ARG A 27 10.94 2.72 -1.07
CA ARG A 27 11.58 2.63 -2.38
C ARG A 27 11.12 1.38 -3.12
N LYS A 28 9.90 0.94 -2.84
CA LYS A 28 9.34 -0.25 -3.47
C LYS A 28 7.97 -0.61 -2.89
N CYS A 29 6.92 -0.28 -3.62
CA CYS A 29 5.56 -0.57 -3.19
C CYS A 29 5.24 -2.05 -3.31
N LYS A 30 4.22 -2.48 -2.59
CA LYS A 30 3.78 -3.86 -2.61
C LYS A 30 2.67 -4.09 -1.58
N CYS A 31 1.44 -3.82 -2.00
CA CYS A 31 0.24 -3.98 -1.16
C CYS A 31 0.30 -5.22 -0.29
N ASN A 32 -0.65 -5.28 0.62
CA ASN A 32 -0.77 -6.37 1.57
C ASN A 32 -1.55 -7.52 0.96
N ARG A 33 -1.71 -8.58 1.75
CA ARG A 33 -2.47 -9.74 1.33
C ARG A 33 -3.83 -9.72 1.99
N CYS A 34 -4.72 -8.92 1.40
CA CYS A 34 -6.06 -8.76 1.91
C CYS A 34 -7.02 -9.77 1.30
N VAL A 1 7.66 -4.26 8.91
CA VAL A 1 7.27 -3.11 8.06
C VAL A 1 5.75 -2.98 7.97
N SER A 2 5.26 -1.74 8.01
CA SER A 2 3.84 -1.49 7.93
C SER A 2 3.56 -0.01 7.64
N CYS A 3 2.58 0.24 6.77
CA CYS A 3 2.22 1.61 6.40
C CYS A 3 0.72 1.82 6.47
N THR A 4 0.30 3.05 6.27
CA THR A 4 -1.12 3.40 6.31
C THR A 4 -1.44 4.55 5.35
N GLY A 5 -0.67 4.62 4.27
CA GLY A 5 -0.89 5.68 3.28
C GLY A 5 0.39 6.12 2.62
N SER A 6 0.28 6.63 1.39
CA SER A 6 1.44 7.09 0.64
C SER A 6 1.07 8.28 -0.24
N LYS A 7 2.03 8.73 -1.04
CA LYS A 7 1.81 9.87 -1.93
C LYS A 7 0.79 9.52 -3.01
N ASP A 8 0.98 8.38 -3.66
CA ASP A 8 0.07 7.95 -4.71
C ASP A 8 0.15 6.44 -4.92
N CYS A 9 0.54 5.72 -3.88
CA CYS A 9 0.67 4.28 -3.94
C CYS A 9 -0.43 3.59 -3.15
N TYR A 10 -0.41 3.81 -1.84
CA TYR A 10 -1.39 3.22 -0.96
C TYR A 10 -2.81 3.41 -1.50
N ALA A 11 -3.00 4.47 -2.28
CA ALA A 11 -4.32 4.75 -2.86
C ALA A 11 -4.68 3.76 -3.95
N PRO A 12 -3.99 3.82 -5.11
CA PRO A 12 -4.25 2.91 -6.23
C PRO A 12 -4.19 1.45 -5.81
N CYS A 13 -3.49 1.20 -4.71
CA CYS A 13 -3.36 -0.16 -4.19
C CYS A 13 -4.47 -0.48 -3.21
N ARG A 14 -4.73 0.42 -2.27
CA ARG A 14 -5.77 0.22 -1.28
C ARG A 14 -7.07 -0.20 -1.97
N LYS A 15 -7.32 0.39 -3.13
CA LYS A 15 -8.51 0.06 -3.90
C LYS A 15 -8.52 -1.43 -4.22
N GLN A 16 -7.39 -1.93 -4.69
CA GLN A 16 -7.26 -3.34 -5.03
C GLN A 16 -7.24 -4.22 -3.79
N THR A 17 -6.34 -3.93 -2.86
CA THR A 17 -6.22 -4.70 -1.63
C THR A 17 -7.39 -4.48 -0.71
N GLY A 18 -7.52 -3.24 -0.24
CA GLY A 18 -8.58 -2.90 0.67
C GLY A 18 -8.07 -2.41 2.00
N CYS A 19 -8.25 -3.25 3.00
CA CYS A 19 -7.83 -2.97 4.37
C CYS A 19 -6.67 -1.97 4.46
N PRO A 20 -6.66 -1.13 5.51
CA PRO A 20 -5.62 -0.10 5.71
C PRO A 20 -4.20 -0.67 5.73
N TYR A 21 -4.07 -1.99 5.87
CA TYR A 21 -2.77 -2.61 5.91
C TYR A 21 -2.08 -2.55 4.54
N GLY A 22 -0.77 -2.78 4.54
CA GLY A 22 0.00 -2.74 3.31
C GLY A 22 1.33 -3.44 3.42
N LYS A 23 1.84 -3.95 2.30
CA LYS A 23 3.13 -4.62 2.29
C LYS A 23 4.23 -3.68 1.80
N CYS A 24 3.89 -2.39 1.68
CA CYS A 24 4.84 -1.40 1.21
C CYS A 24 6.09 -1.36 2.08
N MET A 25 7.25 -1.43 1.44
CA MET A 25 8.53 -1.41 2.15
C MET A 25 9.58 -0.77 1.27
N ASN A 26 10.53 -0.09 1.89
CA ASN A 26 11.55 0.55 1.10
C ASN A 26 10.90 1.47 0.10
N ARG A 27 11.71 1.93 -0.77
CA ARG A 27 11.27 2.79 -1.86
C ARG A 27 10.44 1.97 -2.82
N LYS A 28 10.12 0.76 -2.37
CA LYS A 28 9.30 -0.17 -3.15
C LYS A 28 8.01 -0.50 -2.41
N CYS A 29 6.99 0.31 -2.66
CA CYS A 29 5.69 0.12 -2.04
C CYS A 29 4.99 -1.12 -2.57
N LYS A 30 3.96 -1.56 -1.85
CA LYS A 30 3.20 -2.73 -2.25
C LYS A 30 2.14 -3.08 -1.21
N CYS A 31 0.91 -2.67 -1.46
CA CYS A 31 -0.23 -2.94 -0.57
C CYS A 31 -0.20 -4.35 -0.01
N ASN A 32 -1.08 -4.57 0.94
CA ASN A 32 -1.20 -5.85 1.61
C ASN A 32 -2.06 -6.81 0.83
N ARG A 33 -2.21 -8.01 1.36
CA ARG A 33 -3.02 -9.05 0.74
C ARG A 33 -4.33 -9.23 1.50
N CYS A 34 -5.35 -8.51 1.06
CA CYS A 34 -6.65 -8.56 1.69
C CYS A 34 -7.56 -9.57 1.01
N VAL A 1 2.82 -4.80 8.33
CA VAL A 1 3.51 -3.73 7.56
C VAL A 1 2.51 -2.93 6.73
N SER A 2 2.72 -1.61 6.68
CA SER A 2 1.84 -0.74 5.91
C SER A 2 2.47 0.64 5.74
N CYS A 3 2.40 1.18 4.52
CA CYS A 3 2.96 2.48 4.23
C CYS A 3 1.87 3.54 4.16
N THR A 4 2.27 4.80 4.06
CA THR A 4 1.32 5.90 3.97
C THR A 4 2.03 7.21 3.63
N GLY A 5 3.09 7.11 2.83
CA GLY A 5 3.84 8.29 2.44
C GLY A 5 4.49 8.15 1.08
N SER A 6 3.89 7.32 0.23
CA SER A 6 4.42 7.10 -1.11
C SER A 6 3.97 8.20 -2.06
N LYS A 7 4.20 8.00 -3.36
CA LYS A 7 3.81 8.98 -4.36
C LYS A 7 2.35 8.82 -4.74
N ASP A 8 1.94 7.57 -5.00
CA ASP A 8 0.57 7.28 -5.37
C ASP A 8 0.37 5.78 -5.61
N CYS A 9 0.79 4.99 -4.64
CA CYS A 9 0.66 3.53 -4.74
C CYS A 9 -0.39 3.00 -3.80
N TYR A 10 -0.14 3.15 -2.51
CA TYR A 10 -1.06 2.68 -1.48
C TYR A 10 -2.49 3.08 -1.82
N ALA A 11 -2.64 4.19 -2.54
CA ALA A 11 -3.97 4.68 -2.92
C ALA A 11 -4.59 3.80 -4.00
N PRO A 12 -4.13 3.91 -5.26
CA PRO A 12 -4.65 3.10 -6.36
C PRO A 12 -4.68 1.62 -5.98
N CYS A 13 -3.79 1.26 -5.07
CA CYS A 13 -3.69 -0.11 -4.59
C CYS A 13 -4.79 -0.41 -3.59
N ARG A 14 -4.82 0.37 -2.52
CA ARG A 14 -5.80 0.18 -1.47
C ARG A 14 -7.19 0.02 -2.08
N LYS A 15 -7.43 0.72 -3.17
CA LYS A 15 -8.71 0.62 -3.86
C LYS A 15 -8.89 -0.79 -4.39
N GLN A 16 -7.83 -1.33 -4.99
CA GLN A 16 -7.85 -2.69 -5.52
C GLN A 16 -7.87 -3.73 -4.39
N THR A 17 -6.87 -3.69 -3.52
CA THR A 17 -6.77 -4.63 -2.43
C THR A 17 -7.83 -4.39 -1.37
N GLY A 18 -7.78 -3.23 -0.75
CA GLY A 18 -8.70 -2.88 0.28
C GLY A 18 -8.02 -2.46 1.56
N CYS A 19 -8.10 -3.33 2.55
CA CYS A 19 -7.51 -3.11 3.86
C CYS A 19 -6.32 -2.15 3.82
N PRO A 20 -6.16 -1.32 4.87
CA PRO A 20 -5.07 -0.35 4.95
C PRO A 20 -3.69 -0.99 4.96
N TYR A 21 -3.64 -2.30 5.19
CA TYR A 21 -2.39 -3.03 5.23
C TYR A 21 -1.76 -3.11 3.84
N GLY A 22 -0.48 -3.45 3.81
CA GLY A 22 0.24 -3.56 2.54
C GLY A 22 1.62 -4.14 2.71
N LYS A 23 2.15 -4.78 1.66
CA LYS A 23 3.49 -5.35 1.71
C LYS A 23 4.51 -4.35 1.14
N CYS A 24 4.05 -3.11 0.94
CA CYS A 24 4.90 -2.05 0.41
C CYS A 24 6.16 -1.89 1.25
N MET A 25 7.31 -2.11 0.61
CA MET A 25 8.59 -2.00 1.28
C MET A 25 9.27 -0.69 0.91
N ASN A 26 9.96 -0.09 1.86
CA ASN A 26 10.66 1.18 1.63
C ASN A 26 11.35 1.20 0.28
N ARG A 27 10.95 2.14 -0.56
CA ARG A 27 11.51 2.29 -1.89
C ARG A 27 10.99 1.20 -2.83
N LYS A 28 9.76 0.75 -2.56
CA LYS A 28 9.13 -0.29 -3.37
C LYS A 28 7.81 -0.73 -2.76
N CYS A 29 6.72 -0.13 -3.23
CA CYS A 29 5.39 -0.47 -2.74
C CYS A 29 4.97 -1.86 -3.19
N LYS A 30 3.93 -2.39 -2.55
CA LYS A 30 3.41 -3.71 -2.87
C LYS A 30 2.39 -4.18 -1.84
N CYS A 31 1.12 -3.90 -2.11
CA CYS A 31 0.01 -4.28 -1.24
C CYS A 31 0.21 -5.62 -0.57
N ASN A 32 -0.59 -5.86 0.44
CA ASN A 32 -0.54 -7.09 1.22
C ASN A 32 -1.52 -8.12 0.68
N ARG A 33 -1.52 -9.28 1.33
CA ARG A 33 -2.40 -10.36 0.93
C ARG A 33 -3.81 -10.19 1.51
N CYS A 34 -4.58 -9.33 0.86
CA CYS A 34 -5.94 -9.04 1.29
C CYS A 34 -6.97 -9.76 0.42
N VAL A 1 -2.84 5.76 6.86
CA VAL A 1 -3.22 6.42 5.58
C VAL A 1 -1.98 6.87 4.82
N SER A 2 -2.01 6.69 3.50
CA SER A 2 -0.89 7.07 2.65
C SER A 2 0.37 6.28 2.99
N CYS A 3 0.95 5.63 2.00
CA CYS A 3 2.16 4.84 2.20
C CYS A 3 3.29 5.69 2.73
N THR A 4 4.45 5.06 2.81
CA THR A 4 5.65 5.71 3.29
C THR A 4 6.44 6.33 2.13
N GLY A 5 5.73 6.61 1.04
CA GLY A 5 6.36 7.20 -0.13
C GLY A 5 5.33 7.75 -1.09
N SER A 6 5.20 9.07 -1.13
CA SER A 6 4.23 9.72 -2.01
C SER A 6 2.82 9.57 -1.42
N LYS A 7 1.84 10.17 -2.10
CA LYS A 7 0.46 10.10 -1.64
C LYS A 7 -0.47 9.66 -2.76
N ASP A 8 -0.08 8.62 -3.48
CA ASP A 8 -0.88 8.11 -4.58
C ASP A 8 -0.63 6.63 -4.83
N CYS A 9 -0.19 5.91 -3.79
CA CYS A 9 0.08 4.49 -3.92
C CYS A 9 -0.90 3.66 -3.10
N TYR A 10 -0.82 3.78 -1.79
CA TYR A 10 -1.69 3.05 -0.90
C TYR A 10 -3.15 3.12 -1.36
N ALA A 11 -3.48 4.23 -2.05
CA ALA A 11 -4.84 4.42 -2.54
C ALA A 11 -5.17 3.48 -3.70
N PRO A 12 -4.55 3.68 -4.88
CA PRO A 12 -4.79 2.85 -6.06
C PRO A 12 -4.63 1.36 -5.75
N CYS A 13 -3.86 1.06 -4.71
CA CYS A 13 -3.64 -0.32 -4.30
C CYS A 13 -4.67 -0.77 -3.29
N ARG A 14 -4.92 0.04 -2.26
CA ARG A 14 -5.89 -0.31 -1.24
C ARG A 14 -7.20 -0.72 -1.89
N LYS A 15 -7.52 -0.10 -3.02
CA LYS A 15 -8.74 -0.41 -3.74
C LYS A 15 -8.71 -1.87 -4.18
N GLN A 16 -7.60 -2.28 -4.77
CA GLN A 16 -7.44 -3.65 -5.25
C GLN A 16 -7.30 -4.63 -4.09
N THR A 17 -6.39 -4.34 -3.16
CA THR A 17 -6.16 -5.18 -2.01
C THR A 17 -7.32 -5.13 -1.02
N GLY A 18 -7.55 -3.94 -0.48
CA GLY A 18 -8.60 -3.76 0.47
C GLY A 18 -8.10 -3.18 1.78
N CYS A 19 -8.17 -4.00 2.82
CA CYS A 19 -7.74 -3.64 4.17
C CYS A 19 -6.67 -2.54 4.17
N PRO A 20 -6.70 -1.66 5.18
CA PRO A 20 -5.74 -0.55 5.31
C PRO A 20 -4.28 -0.98 5.28
N TYR A 21 -4.03 -2.29 5.46
CA TYR A 21 -2.68 -2.80 5.46
C TYR A 21 -2.05 -2.73 4.07
N GLY A 22 -0.73 -2.88 4.02
CA GLY A 22 -0.02 -2.83 2.74
C GLY A 22 1.41 -3.33 2.87
N LYS A 23 1.99 -3.76 1.75
CA LYS A 23 3.37 -4.24 1.77
C LYS A 23 4.28 -3.19 1.14
N CYS A 24 3.77 -1.97 1.05
CA CYS A 24 4.50 -0.87 0.46
C CYS A 24 5.55 -0.33 1.44
N MET A 25 6.68 0.10 0.90
CA MET A 25 7.77 0.64 1.70
C MET A 25 8.59 1.62 0.88
N ASN A 26 9.15 2.61 1.56
CA ASN A 26 9.97 3.63 0.91
C ASN A 26 10.91 3.01 -0.14
N ARG A 27 10.72 3.41 -1.39
CA ARG A 27 11.54 2.90 -2.49
C ARG A 27 11.09 1.50 -2.89
N LYS A 28 9.82 1.21 -2.69
CA LYS A 28 9.26 -0.10 -3.03
C LYS A 28 7.84 -0.26 -2.52
N CYS A 29 6.88 0.17 -3.33
CA CYS A 29 5.48 0.08 -2.98
C CYS A 29 4.93 -1.31 -3.28
N LYS A 30 3.79 -1.64 -2.68
CA LYS A 30 3.15 -2.94 -2.88
C LYS A 30 2.14 -3.24 -1.78
N CYS A 31 0.87 -2.90 -2.04
CA CYS A 31 -0.21 -3.16 -1.08
C CYS A 31 -0.13 -4.53 -0.47
N ASN A 32 -1.02 -4.75 0.45
CA ASN A 32 -1.09 -6.01 1.19
C ASN A 32 -1.87 -7.06 0.42
N ARG A 33 -1.96 -8.24 1.02
CA ARG A 33 -2.69 -9.36 0.41
C ARG A 33 -3.94 -9.65 1.21
N CYS A 34 -5.03 -8.99 0.84
CA CYS A 34 -6.30 -9.15 1.52
C CYS A 34 -7.18 -10.19 0.85
N VAL A 1 5.04 3.30 8.28
CA VAL A 1 6.42 3.48 8.83
C VAL A 1 7.48 3.15 7.83
N SER A 2 6.96 3.07 6.72
CA SER A 2 7.69 2.77 5.48
C SER A 2 6.76 2.86 4.27
N CYS A 3 7.27 3.42 3.18
CA CYS A 3 6.50 3.57 1.96
C CYS A 3 7.24 4.40 0.93
N THR A 4 6.48 4.82 -0.05
CA THR A 4 6.98 5.63 -1.15
C THR A 4 6.85 7.13 -0.85
N GLY A 5 6.79 7.47 0.45
CA GLY A 5 6.68 8.86 0.84
C GLY A 5 5.56 9.59 0.10
N SER A 6 4.54 8.85 -0.33
CA SER A 6 3.42 9.43 -1.05
C SER A 6 2.10 8.98 -0.43
N LYS A 7 1.00 9.47 -1.00
CA LYS A 7 -0.33 9.11 -0.52
C LYS A 7 -1.23 8.66 -1.66
N ASP A 8 -0.62 8.08 -2.70
CA ASP A 8 -1.35 7.60 -3.86
C ASP A 8 -0.98 6.16 -4.18
N CYS A 9 -0.58 5.41 -3.15
CA CYS A 9 -0.20 4.01 -3.32
C CYS A 9 -1.23 3.08 -2.70
N TYR A 10 -1.34 3.15 -1.38
CA TYR A 10 -2.29 2.33 -0.65
C TYR A 10 -3.69 2.47 -1.24
N ALA A 11 -3.95 3.58 -1.91
CA ALA A 11 -5.24 3.84 -2.51
C ALA A 11 -5.50 2.94 -3.72
N PRO A 12 -4.72 3.10 -4.80
CA PRO A 12 -4.88 2.29 -6.01
C PRO A 12 -4.93 0.80 -5.71
N CYS A 13 -4.30 0.40 -4.62
CA CYS A 13 -4.28 -1.00 -4.22
C CYS A 13 -5.45 -1.34 -3.31
N ARG A 14 -5.67 -0.51 -2.29
CA ARG A 14 -6.76 -0.74 -1.36
C ARG A 14 -8.06 -0.96 -2.12
N LYS A 15 -8.22 -0.25 -3.23
CA LYS A 15 -9.41 -0.42 -4.05
C LYS A 15 -9.52 -1.87 -4.47
N GLN A 16 -8.42 -2.43 -4.94
CA GLN A 16 -8.38 -3.82 -5.37
C GLN A 16 -8.46 -4.76 -4.16
N THR A 17 -7.47 -4.66 -3.28
CA THR A 17 -7.41 -5.50 -2.09
C THR A 17 -8.48 -5.13 -1.07
N GLY A 18 -8.35 -3.92 -0.54
CA GLY A 18 -9.28 -3.42 0.44
C GLY A 18 -8.79 -3.65 1.85
N CYS A 19 -8.22 -2.59 2.40
CA CYS A 19 -7.67 -2.56 3.75
C CYS A 19 -6.56 -1.52 3.86
N PRO A 20 -6.31 -1.00 5.09
CA PRO A 20 -5.28 0.02 5.32
C PRO A 20 -3.86 -0.54 5.34
N TYR A 21 -3.74 -1.86 5.37
CA TYR A 21 -2.44 -2.50 5.41
C TYR A 21 -1.69 -2.34 4.09
N GLY A 22 -0.39 -2.58 4.12
CA GLY A 22 0.43 -2.45 2.92
C GLY A 22 1.81 -3.03 3.11
N LYS A 23 2.41 -3.53 2.02
CA LYS A 23 3.75 -4.09 2.10
C LYS A 23 4.78 -3.08 1.59
N CYS A 24 4.30 -1.88 1.27
CA CYS A 24 5.14 -0.82 0.75
C CYS A 24 6.35 -0.58 1.66
N MET A 25 7.54 -0.67 1.07
CA MET A 25 8.78 -0.46 1.81
C MET A 25 9.52 0.76 1.29
N ASN A 26 10.19 1.46 2.19
CA ASN A 26 10.94 2.67 1.84
C ASN A 26 11.75 2.45 0.56
N ARG A 27 11.49 3.30 -0.43
CA ARG A 27 12.18 3.23 -1.71
C ARG A 27 11.65 2.07 -2.54
N LYS A 28 10.38 1.73 -2.33
CA LYS A 28 9.74 0.64 -3.05
C LYS A 28 8.38 0.29 -2.44
N CYS A 29 7.33 0.86 -3.02
CA CYS A 29 5.98 0.61 -2.54
C CYS A 29 5.49 -0.78 -2.93
N LYS A 30 4.44 -1.23 -2.28
CA LYS A 30 3.87 -2.55 -2.56
C LYS A 30 2.81 -2.93 -1.54
N CYS A 31 1.56 -2.57 -1.84
CA CYS A 31 0.40 -2.86 -0.99
C CYS A 31 0.52 -4.24 -0.33
N ASN A 32 -0.38 -4.46 0.61
CA ASN A 32 -0.43 -5.69 1.37
C ASN A 32 -1.16 -6.79 0.61
N ARG A 33 -1.20 -7.96 1.23
CA ARG A 33 -1.89 -9.11 0.64
C ARG A 33 -3.18 -9.36 1.40
N CYS A 34 -4.22 -8.62 1.01
CA CYS A 34 -5.52 -8.71 1.63
C CYS A 34 -6.34 -9.87 1.05
#